data_2EOV
#
_entry.id   2EOV
#
loop_
_entity.id
_entity.type
_entity.pdbx_description
1 polymer 'Zinc finger protein 484'
2 non-polymer 'ZINC ION'
#
_entity_poly.entity_id   1
_entity_poly.type   'polypeptide(L)'
_entity_poly.pdbx_seq_one_letter_code
;GSSGSSGTGEKPYKCSDCGKSFTWKSRLRIHQKCHTGERHSGPSSG
;
_entity_poly.pdbx_strand_id   A
#
# COMPACT_ATOMS: atom_id res chain seq x y z
N GLY A 1 -6.80 -5.57 14.16
CA GLY A 1 -7.18 -6.04 12.84
C GLY A 1 -6.11 -5.77 11.80
N SER A 2 -5.03 -6.53 11.86
CA SER A 2 -3.92 -6.37 10.92
C SER A 2 -3.84 -7.56 9.97
N SER A 3 -3.97 -7.29 8.68
CA SER A 3 -3.91 -8.34 7.67
C SER A 3 -2.51 -8.47 7.09
N GLY A 4 -2.24 -9.59 6.42
CA GLY A 4 -0.93 -9.80 5.83
C GLY A 4 -0.98 -10.78 4.67
N SER A 5 -0.94 -10.24 3.45
CA SER A 5 -0.97 -11.08 2.26
C SER A 5 0.23 -10.82 1.37
N SER A 6 1.24 -11.68 1.47
CA SER A 6 2.45 -11.54 0.69
C SER A 6 2.52 -12.61 -0.41
N GLY A 7 2.84 -12.17 -1.62
CA GLY A 7 2.92 -13.09 -2.74
C GLY A 7 4.34 -13.55 -3.01
N THR A 8 4.84 -13.28 -4.21
CA THR A 8 6.19 -13.68 -4.59
C THR A 8 6.67 -12.91 -5.82
N GLY A 9 7.79 -12.22 -5.68
CA GLY A 9 8.33 -11.46 -6.79
C GLY A 9 8.17 -9.96 -6.60
N GLU A 10 9.28 -9.23 -6.73
CA GLU A 10 9.26 -7.78 -6.57
C GLU A 10 8.35 -7.13 -7.60
N LYS A 11 7.25 -6.54 -7.13
CA LYS A 11 6.30 -5.89 -8.01
C LYS A 11 6.82 -4.52 -8.46
N PRO A 12 6.52 -4.16 -9.72
CA PRO A 12 6.95 -2.88 -10.29
C PRO A 12 6.23 -1.68 -9.66
N TYR A 13 5.33 -1.97 -8.73
CA TYR A 13 4.57 -0.92 -8.06
C TYR A 13 4.55 -1.15 -6.54
N LYS A 14 4.63 -0.07 -5.79
CA LYS A 14 4.62 -0.14 -4.34
C LYS A 14 3.94 1.09 -3.73
N CYS A 15 2.99 0.85 -2.83
CA CYS A 15 2.26 1.93 -2.18
C CYS A 15 3.16 2.67 -1.20
N SER A 16 3.51 3.91 -1.54
CA SER A 16 4.37 4.72 -0.69
C SER A 16 3.57 5.37 0.43
N ASP A 17 2.69 4.58 1.05
CA ASP A 17 1.86 5.07 2.15
C ASP A 17 1.83 4.08 3.30
N CYS A 18 1.52 2.82 2.99
CA CYS A 18 1.46 1.77 4.00
C CYS A 18 2.62 0.79 3.84
N GLY A 19 2.82 0.31 2.61
CA GLY A 19 3.89 -0.62 2.34
C GLY A 19 3.39 -1.93 1.75
N LYS A 20 2.57 -1.84 0.72
CA LYS A 20 2.02 -3.02 0.07
C LYS A 20 2.41 -3.06 -1.40
N SER A 21 2.60 -4.28 -1.92
CA SER A 21 2.99 -4.46 -3.32
C SER A 21 1.76 -4.80 -4.17
N PHE A 22 1.74 -4.25 -5.39
CA PHE A 22 0.63 -4.49 -6.30
C PHE A 22 1.15 -4.94 -7.67
N THR A 23 0.61 -6.05 -8.15
CA THR A 23 1.02 -6.59 -9.45
C THR A 23 0.55 -5.69 -10.59
N TRP A 24 -0.70 -5.24 -10.50
CA TRP A 24 -1.27 -4.37 -11.52
C TRP A 24 -1.22 -2.91 -11.08
N LYS A 25 -0.94 -2.02 -12.03
CA LYS A 25 -0.86 -0.60 -11.74
C LYS A 25 -2.24 -0.04 -11.41
N SER A 26 -3.23 -0.38 -12.23
CA SER A 26 -4.59 0.09 -12.02
C SER A 26 -5.04 -0.17 -10.59
N ARG A 27 -4.80 -1.39 -10.12
CA ARG A 27 -5.19 -1.77 -8.76
C ARG A 27 -4.63 -0.79 -7.74
N LEU A 28 -3.32 -0.55 -7.81
CA LEU A 28 -2.68 0.37 -6.89
C LEU A 28 -3.43 1.70 -6.81
N ARG A 29 -3.62 2.34 -7.95
CA ARG A 29 -4.33 3.61 -8.01
C ARG A 29 -5.57 3.58 -7.13
N ILE A 30 -6.37 2.53 -7.27
CA ILE A 30 -7.59 2.38 -6.49
C ILE A 30 -7.27 2.32 -4.99
N HIS A 31 -6.30 1.50 -4.63
CA HIS A 31 -5.91 1.35 -3.24
C HIS A 31 -5.50 2.70 -2.65
N GLN A 32 -4.60 3.40 -3.34
CA GLN A 32 -4.13 4.70 -2.89
C GLN A 32 -5.28 5.53 -2.35
N LYS A 33 -6.26 5.82 -3.20
CA LYS A 33 -7.42 6.61 -2.81
C LYS A 33 -8.19 5.92 -1.69
N CYS A 34 -8.24 4.59 -1.74
CA CYS A 34 -8.95 3.81 -0.73
C CYS A 34 -8.60 4.29 0.67
N HIS A 35 -7.31 4.53 0.91
CA HIS A 35 -6.85 4.99 2.21
C HIS A 35 -7.82 6.00 2.81
N THR A 36 -8.01 7.13 2.11
CA THR A 36 -8.91 8.17 2.57
C THR A 36 -10.35 7.83 2.24
N GLY A 37 -11.26 8.14 3.17
CA GLY A 37 -12.67 7.86 2.95
C GLY A 37 -13.18 6.74 3.84
N GLU A 38 -13.89 7.11 4.90
CA GLU A 38 -14.44 6.13 5.82
C GLU A 38 -15.93 5.89 5.56
N ARG A 39 -16.22 4.98 4.63
CA ARG A 39 -17.60 4.66 4.28
C ARG A 39 -17.92 3.21 4.62
N HIS A 40 -18.25 2.96 5.89
CA HIS A 40 -18.58 1.61 6.33
C HIS A 40 -17.57 0.60 5.80
N SER A 41 -16.28 0.96 5.84
CA SER A 41 -15.22 0.10 5.37
C SER A 41 -13.98 0.22 6.24
N GLY A 42 -13.68 -0.84 6.99
CA GLY A 42 -12.53 -0.84 7.86
C GLY A 42 -11.57 -1.98 7.57
N PRO A 43 -11.95 -3.19 8.00
CA PRO A 43 -11.14 -4.39 7.79
C PRO A 43 -11.09 -4.82 6.32
N SER A 44 -9.95 -5.39 5.92
CA SER A 44 -9.78 -5.83 4.54
C SER A 44 -10.06 -7.33 4.40
N SER A 45 -10.23 -7.78 3.17
CA SER A 45 -10.51 -9.19 2.91
C SER A 45 -9.22 -10.00 2.85
N GLY A 46 -8.30 -9.58 2.00
CA GLY A 46 -7.04 -10.28 1.87
C GLY A 46 -5.86 -9.33 1.70
N GLY A 1 0.78 -14.98 17.67
CA GLY A 1 1.46 -16.19 17.23
C GLY A 1 2.70 -15.89 16.40
N SER A 2 2.99 -16.77 15.45
CA SER A 2 4.15 -16.60 14.59
C SER A 2 3.86 -17.07 13.18
N SER A 3 4.54 -16.48 12.20
CA SER A 3 4.35 -16.84 10.80
C SER A 3 5.68 -16.96 10.08
N GLY A 4 5.64 -17.42 8.84
CA GLY A 4 6.86 -17.58 8.06
C GLY A 4 7.44 -16.25 7.62
N SER A 5 7.56 -16.07 6.30
CA SER A 5 8.11 -14.84 5.76
C SER A 5 7.01 -13.82 5.50
N SER A 6 7.38 -12.53 5.52
CA SER A 6 6.42 -11.46 5.30
C SER A 6 6.82 -10.61 4.08
N GLY A 7 7.23 -11.29 3.01
CA GLY A 7 7.64 -10.59 1.81
C GLY A 7 7.59 -11.47 0.58
N THR A 8 8.74 -12.04 0.22
CA THR A 8 8.84 -12.91 -0.94
C THR A 8 7.99 -12.38 -2.09
N GLY A 9 7.97 -11.06 -2.26
CA GLY A 9 7.19 -10.46 -3.32
C GLY A 9 7.87 -9.26 -3.93
N GLU A 10 8.11 -9.30 -5.24
CA GLU A 10 8.76 -8.21 -5.94
C GLU A 10 7.92 -7.73 -7.11
N LYS A 11 7.16 -6.65 -6.89
CA LYS A 11 6.31 -6.08 -7.93
C LYS A 11 6.83 -4.73 -8.37
N PRO A 12 6.56 -4.39 -9.64
CA PRO A 12 6.99 -3.11 -10.23
C PRO A 12 6.23 -1.93 -9.65
N TYR A 13 5.33 -2.20 -8.70
CA TYR A 13 4.53 -1.16 -8.07
C TYR A 13 4.44 -1.39 -6.57
N LYS A 14 4.55 -0.30 -5.80
CA LYS A 14 4.47 -0.38 -4.35
C LYS A 14 3.80 0.86 -3.78
N CYS A 15 2.69 0.65 -3.07
CA CYS A 15 1.95 1.75 -2.46
C CYS A 15 2.87 2.63 -1.62
N SER A 16 2.80 3.94 -1.85
CA SER A 16 3.63 4.90 -1.13
C SER A 16 2.86 5.47 0.07
N ASP A 17 2.11 4.61 0.76
CA ASP A 17 1.34 5.04 1.92
C ASP A 17 1.52 4.05 3.07
N CYS A 18 1.28 2.78 2.80
CA CYS A 18 1.41 1.74 3.81
C CYS A 18 2.66 0.90 3.58
N GLY A 19 2.87 0.48 2.33
CA GLY A 19 4.02 -0.32 2.00
C GLY A 19 3.65 -1.64 1.37
N LYS A 20 2.56 -1.65 0.61
CA LYS A 20 2.09 -2.86 -0.05
C LYS A 20 2.57 -2.92 -1.50
N SER A 21 2.79 -4.13 -2.01
CA SER A 21 3.24 -4.31 -3.38
C SER A 21 2.11 -4.82 -4.26
N PHE A 22 1.95 -4.22 -5.44
CA PHE A 22 0.91 -4.61 -6.37
C PHE A 22 1.51 -4.96 -7.73
N THR A 23 0.89 -5.93 -8.40
CA THR A 23 1.36 -6.36 -9.71
C THR A 23 0.89 -5.42 -10.81
N TRP A 24 -0.39 -5.06 -10.77
CA TRP A 24 -0.97 -4.14 -11.75
C TRP A 24 -0.98 -2.72 -11.23
N LYS A 25 -0.64 -1.77 -12.10
CA LYS A 25 -0.61 -0.36 -11.72
C LYS A 25 -2.02 0.15 -11.43
N SER A 26 -2.95 -0.13 -12.34
CA SER A 26 -4.33 0.30 -12.18
C SER A 26 -4.83 0.00 -10.77
N ARG A 27 -4.63 -1.22 -10.32
CA ARG A 27 -5.06 -1.64 -8.99
C ARG A 27 -4.56 -0.67 -7.93
N LEU A 28 -3.26 -0.36 -7.99
CA LEU A 28 -2.65 0.56 -7.03
C LEU A 28 -3.42 1.87 -6.96
N ARG A 29 -3.66 2.47 -8.11
CA ARG A 29 -4.40 3.74 -8.17
C ARG A 29 -5.64 3.68 -7.28
N ILE A 30 -6.37 2.58 -7.34
CA ILE A 30 -7.56 2.40 -6.53
C ILE A 30 -7.21 2.25 -5.06
N HIS A 31 -6.17 1.48 -4.78
CA HIS A 31 -5.74 1.27 -3.40
C HIS A 31 -5.51 2.58 -2.68
N GLN A 32 -4.67 3.44 -3.26
CA GLN A 32 -4.36 4.74 -2.67
C GLN A 32 -5.61 5.36 -2.06
N LYS A 33 -6.71 5.33 -2.81
CA LYS A 33 -7.97 5.89 -2.34
C LYS A 33 -8.33 5.34 -0.96
N CYS A 34 -8.24 4.03 -0.81
CA CYS A 34 -8.55 3.38 0.46
C CYS A 34 -8.07 4.22 1.63
N HIS A 35 -6.85 4.73 1.53
CA HIS A 35 -6.26 5.55 2.59
C HIS A 35 -6.95 6.92 2.65
N THR A 36 -8.10 6.96 3.31
CA THR A 36 -8.85 8.20 3.44
C THR A 36 -8.58 8.87 4.78
N GLY A 37 -8.94 10.15 4.89
CA GLY A 37 -8.72 10.88 6.12
C GLY A 37 -9.86 11.82 6.45
N GLU A 38 -9.61 12.76 7.36
CA GLU A 38 -10.63 13.71 7.76
C GLU A 38 -10.06 15.13 7.82
N ARG A 39 -10.89 16.12 7.51
CA ARG A 39 -10.46 17.51 7.52
C ARG A 39 -9.94 17.91 8.90
N HIS A 40 -8.63 17.74 9.10
CA HIS A 40 -8.01 18.07 10.37
C HIS A 40 -7.74 19.58 10.47
N SER A 41 -8.71 20.38 10.03
CA SER A 41 -8.57 21.83 10.06
C SER A 41 -8.89 22.38 11.45
N GLY A 42 -10.02 21.92 12.00
CA GLY A 42 -10.42 22.38 13.32
C GLY A 42 -11.63 23.29 13.28
N PRO A 43 -12.82 22.68 13.23
CA PRO A 43 -14.09 23.42 13.18
C PRO A 43 -14.39 24.14 14.49
N SER A 44 -14.24 23.43 15.60
CA SER A 44 -14.50 23.99 16.92
C SER A 44 -13.64 25.23 17.17
N SER A 45 -13.84 25.86 18.31
CA SER A 45 -13.08 27.06 18.67
C SER A 45 -11.82 26.68 19.44
N GLY A 46 -11.16 25.62 19.00
CA GLY A 46 -9.94 25.18 19.66
C GLY A 46 -10.18 24.78 21.10
N GLY A 1 28.23 3.52 -15.59
CA GLY A 1 27.41 2.39 -15.18
C GLY A 1 27.18 2.36 -13.68
N SER A 2 26.18 1.59 -13.25
CA SER A 2 25.87 1.48 -11.83
C SER A 2 26.03 0.04 -11.35
N SER A 3 26.27 -0.12 -10.05
CA SER A 3 26.45 -1.44 -9.45
C SER A 3 25.48 -1.65 -8.30
N GLY A 4 24.73 -2.75 -8.36
CA GLY A 4 23.77 -3.06 -7.31
C GLY A 4 22.78 -4.12 -7.73
N SER A 5 21.55 -3.71 -8.03
CA SER A 5 20.51 -4.65 -8.44
C SER A 5 19.86 -4.20 -9.74
N SER A 6 19.28 -5.15 -10.46
CA SER A 6 18.63 -4.86 -11.73
C SER A 6 17.57 -3.78 -11.56
N GLY A 7 16.67 -3.98 -10.61
CA GLY A 7 15.62 -3.01 -10.36
C GLY A 7 14.29 -3.66 -10.04
N THR A 8 13.94 -4.70 -10.79
CA THR A 8 12.68 -5.41 -10.58
C THR A 8 12.83 -6.49 -9.51
N GLY A 9 11.86 -6.56 -8.62
CA GLY A 9 11.90 -7.54 -7.55
C GLY A 9 10.56 -8.24 -7.36
N GLU A 10 9.88 -7.89 -6.26
CA GLU A 10 8.59 -8.48 -5.95
C GLU A 10 7.53 -8.04 -6.96
N LYS A 11 7.32 -6.74 -7.05
CA LYS A 11 6.34 -6.18 -7.97
C LYS A 11 6.81 -4.85 -8.54
N PRO A 12 6.49 -4.59 -9.81
CA PRO A 12 6.87 -3.35 -10.49
C PRO A 12 6.12 -2.14 -9.96
N TYR A 13 5.24 -2.37 -8.99
CA TYR A 13 4.46 -1.30 -8.39
C TYR A 13 4.33 -1.49 -6.88
N LYS A 14 4.50 -0.41 -6.13
CA LYS A 14 4.41 -0.45 -4.68
C LYS A 14 3.69 0.79 -4.14
N CYS A 15 2.92 0.60 -3.08
CA CYS A 15 2.18 1.70 -2.47
C CYS A 15 3.09 2.52 -1.55
N SER A 16 2.77 3.80 -1.41
CA SER A 16 3.56 4.69 -0.56
C SER A 16 2.85 4.94 0.78
N ASP A 17 1.52 4.91 0.75
CA ASP A 17 0.73 5.13 1.96
C ASP A 17 1.16 4.18 3.07
N CYS A 18 1.06 2.88 2.81
CA CYS A 18 1.44 1.88 3.79
C CYS A 18 2.74 1.19 3.40
N GLY A 19 2.84 0.78 2.14
CA GLY A 19 4.03 0.13 1.65
C GLY A 19 3.76 -1.28 1.16
N LYS A 20 2.61 -1.48 0.54
CA LYS A 20 2.23 -2.79 0.03
C LYS A 20 2.68 -2.96 -1.43
N SER A 21 2.63 -4.19 -1.92
CA SER A 21 3.03 -4.48 -3.28
C SER A 21 1.82 -4.80 -4.16
N PHE A 22 1.91 -4.45 -5.44
CA PHE A 22 0.83 -4.70 -6.37
C PHE A 22 1.37 -5.06 -7.76
N THR A 23 0.73 -6.03 -8.40
CA THR A 23 1.15 -6.46 -9.73
C THR A 23 0.58 -5.56 -10.81
N TRP A 24 -0.66 -5.12 -10.61
CA TRP A 24 -1.32 -4.25 -11.58
C TRP A 24 -1.34 -2.81 -11.08
N LYS A 25 -0.56 -1.96 -11.73
CA LYS A 25 -0.49 -0.55 -11.36
C LYS A 25 -1.89 0.03 -11.14
N SER A 26 -2.79 -0.26 -12.07
CA SER A 26 -4.16 0.23 -11.98
C SER A 26 -4.72 0.03 -10.57
N ARG A 27 -4.59 -1.19 -10.06
CA ARG A 27 -5.08 -1.51 -8.72
C ARG A 27 -4.52 -0.54 -7.69
N LEU A 28 -3.22 -0.31 -7.74
CA LEU A 28 -2.56 0.60 -6.81
C LEU A 28 -3.27 1.95 -6.77
N ARG A 29 -3.48 2.53 -7.94
CA ARG A 29 -4.16 3.82 -8.04
C ARG A 29 -5.33 3.90 -7.08
N ILE A 30 -6.11 2.82 -7.01
CA ILE A 30 -7.26 2.77 -6.13
C ILE A 30 -6.84 2.52 -4.68
N HIS A 31 -5.93 1.56 -4.48
CA HIS A 31 -5.44 1.24 -3.15
C HIS A 31 -5.00 2.50 -2.41
N GLN A 32 -4.66 3.54 -3.17
CA GLN A 32 -4.21 4.80 -2.59
C GLN A 32 -5.39 5.61 -2.08
N LYS A 33 -6.42 5.75 -2.92
CA LYS A 33 -7.61 6.51 -2.55
C LYS A 33 -8.46 5.74 -1.55
N CYS A 34 -8.19 4.44 -1.43
CA CYS A 34 -8.92 3.59 -0.50
C CYS A 34 -8.41 3.77 0.93
N HIS A 35 -7.29 4.48 1.07
CA HIS A 35 -6.70 4.71 2.37
C HIS A 35 -7.46 5.79 3.14
N THR A 36 -8.78 5.61 3.24
CA THR A 36 -9.63 6.57 3.93
C THR A 36 -9.76 6.20 5.41
N GLY A 37 -8.78 6.63 6.22
CA GLY A 37 -8.81 6.35 7.63
C GLY A 37 -7.56 5.63 8.10
N GLU A 38 -6.41 6.03 7.57
CA GLU A 38 -5.15 5.41 7.94
C GLU A 38 -3.97 6.26 7.45
N ARG A 39 -3.16 6.74 8.39
CA ARG A 39 -2.01 7.56 8.05
C ARG A 39 -0.77 7.09 8.81
N HIS A 40 0.34 6.93 8.08
CA HIS A 40 1.59 6.49 8.68
C HIS A 40 2.62 7.61 8.68
N SER A 41 2.71 8.32 7.57
CA SER A 41 3.67 9.42 7.43
C SER A 41 3.58 10.37 8.62
N GLY A 42 4.71 10.59 9.28
CA GLY A 42 4.74 11.49 10.43
C GLY A 42 5.63 10.97 11.54
N PRO A 43 5.75 11.75 12.61
CA PRO A 43 6.59 11.39 13.77
C PRO A 43 6.01 10.22 14.55
N SER A 44 6.82 9.67 15.47
CA SER A 44 6.39 8.55 16.28
C SER A 44 7.36 8.32 17.44
N SER A 45 6.88 7.64 18.48
CA SER A 45 7.71 7.36 19.65
C SER A 45 8.85 6.41 19.29
N GLY A 46 10.04 6.97 19.17
CA GLY A 46 11.20 6.17 18.83
C GLY A 46 12.14 6.87 17.86
N GLY A 1 12.07 -5.90 14.41
CA GLY A 1 11.19 -6.99 14.00
C GLY A 1 10.31 -6.60 12.83
N SER A 2 10.92 -6.02 11.80
CA SER A 2 10.18 -5.60 10.62
C SER A 2 10.58 -6.43 9.40
N SER A 3 9.89 -7.56 9.20
CA SER A 3 10.18 -8.44 8.08
C SER A 3 9.55 -7.91 6.80
N GLY A 4 10.33 -7.86 5.73
CA GLY A 4 9.83 -7.38 4.46
C GLY A 4 10.82 -7.60 3.33
N SER A 5 12.04 -7.11 3.50
CA SER A 5 13.08 -7.26 2.48
C SER A 5 13.64 -8.68 2.48
N SER A 6 12.75 -9.67 2.43
CA SER A 6 13.16 -11.06 2.44
C SER A 6 12.97 -11.68 1.06
N GLY A 7 11.78 -11.49 0.48
CA GLY A 7 11.50 -12.04 -0.83
C GLY A 7 10.01 -12.16 -1.09
N THR A 8 9.35 -11.04 -1.30
CA THR A 8 7.91 -11.03 -1.56
C THR A 8 7.62 -10.51 -2.96
N GLY A 9 8.42 -10.92 -3.93
CA GLY A 9 8.22 -10.49 -5.30
C GLY A 9 8.25 -8.99 -5.44
N GLU A 10 9.32 -8.45 -6.01
CA GLU A 10 9.45 -7.01 -6.20
C GLU A 10 8.55 -6.53 -7.32
N LYS A 11 7.29 -6.25 -6.99
CA LYS A 11 6.32 -5.78 -7.97
C LYS A 11 6.72 -4.42 -8.52
N PRO A 12 6.30 -4.12 -9.76
CA PRO A 12 6.60 -2.85 -10.41
C PRO A 12 5.85 -1.68 -9.78
N TYR A 13 5.09 -1.97 -8.72
CA TYR A 13 4.33 -0.94 -8.02
C TYR A 13 4.34 -1.17 -6.53
N LYS A 14 4.54 -0.10 -5.76
CA LYS A 14 4.57 -0.19 -4.31
C LYS A 14 3.89 1.01 -3.67
N CYS A 15 2.93 0.75 -2.80
CA CYS A 15 2.20 1.81 -2.12
C CYS A 15 3.12 2.64 -1.23
N SER A 16 3.04 3.96 -1.37
CA SER A 16 3.88 4.86 -0.59
C SER A 16 3.11 5.41 0.60
N ASP A 17 2.31 4.55 1.23
CA ASP A 17 1.52 4.95 2.39
C ASP A 17 1.62 3.92 3.50
N CYS A 18 1.42 2.65 3.14
CA CYS A 18 1.49 1.56 4.11
C CYS A 18 2.69 0.65 3.82
N GLY A 19 2.82 0.24 2.57
CA GLY A 19 3.93 -0.63 2.19
C GLY A 19 3.45 -1.93 1.58
N LYS A 20 2.42 -1.85 0.74
CA LYS A 20 1.87 -3.02 0.09
C LYS A 20 2.49 -3.22 -1.30
N SER A 21 2.17 -4.35 -1.93
CA SER A 21 2.70 -4.65 -3.25
C SER A 21 1.57 -5.03 -4.21
N PHE A 22 1.60 -4.46 -5.41
CA PHE A 22 0.58 -4.74 -6.41
C PHE A 22 1.22 -5.10 -7.76
N THR A 23 0.63 -6.07 -8.44
CA THR A 23 1.14 -6.51 -9.73
C THR A 23 0.67 -5.60 -10.85
N TRP A 24 -0.61 -5.24 -10.81
CA TRP A 24 -1.18 -4.36 -11.83
C TRP A 24 -1.14 -2.91 -11.37
N LYS A 25 -1.16 -1.99 -12.33
CA LYS A 25 -1.13 -0.56 -12.04
C LYS A 25 -2.49 -0.09 -11.53
N SER A 26 -3.53 -0.33 -12.31
CA SER A 26 -4.88 0.07 -11.94
C SER A 26 -5.17 -0.27 -10.48
N ARG A 27 -4.81 -1.49 -10.08
CA ARG A 27 -5.04 -1.95 -8.71
C ARG A 27 -4.48 -0.93 -7.71
N LEU A 28 -3.18 -0.67 -7.81
CA LEU A 28 -2.52 0.26 -6.91
C LEU A 28 -3.34 1.55 -6.76
N ARG A 29 -3.67 2.16 -7.89
CA ARG A 29 -4.45 3.39 -7.88
C ARG A 29 -5.63 3.28 -6.93
N ILE A 30 -6.48 2.28 -7.16
CA ILE A 30 -7.64 2.07 -6.32
C ILE A 30 -7.27 2.06 -4.83
N HIS A 31 -6.10 1.50 -4.54
CA HIS A 31 -5.62 1.42 -3.17
C HIS A 31 -5.18 2.80 -2.67
N GLN A 32 -4.21 3.39 -3.37
CA GLN A 32 -3.70 4.71 -3.00
C GLN A 32 -4.83 5.61 -2.50
N LYS A 33 -5.82 5.83 -3.35
CA LYS A 33 -6.96 6.67 -3.00
C LYS A 33 -7.74 6.07 -1.84
N CYS A 34 -7.85 4.75 -1.83
CA CYS A 34 -8.56 4.05 -0.77
C CYS A 34 -8.24 4.63 0.60
N HIS A 35 -6.95 4.66 0.92
CA HIS A 35 -6.50 5.20 2.21
C HIS A 35 -7.37 6.36 2.65
N THR A 36 -7.33 7.46 1.89
CA THR A 36 -8.12 8.64 2.21
C THR A 36 -9.57 8.47 1.78
N GLY A 37 -10.50 8.80 2.67
CA GLY A 37 -11.91 8.68 2.35
C GLY A 37 -12.80 9.01 3.53
N GLU A 38 -13.37 7.98 4.16
CA GLU A 38 -14.25 8.17 5.29
C GLU A 38 -13.88 7.21 6.43
N ARG A 39 -12.81 7.56 7.16
CA ARG A 39 -12.35 6.73 8.27
C ARG A 39 -12.97 7.20 9.59
N HIS A 40 -14.03 6.53 10.01
CA HIS A 40 -14.71 6.88 11.25
C HIS A 40 -14.76 8.39 11.44
N SER A 41 -15.08 9.11 10.37
CA SER A 41 -15.16 10.56 10.41
C SER A 41 -16.27 11.03 11.34
N GLY A 42 -15.98 12.03 12.16
CA GLY A 42 -16.97 12.54 13.09
C GLY A 42 -17.50 13.90 12.67
N PRO A 43 -18.05 14.65 13.64
CA PRO A 43 -18.61 15.98 13.39
C PRO A 43 -17.53 17.01 13.07
N SER A 44 -17.16 17.09 11.80
CA SER A 44 -16.14 18.03 11.35
C SER A 44 -15.02 18.13 12.38
N SER A 45 -14.57 16.98 12.88
CA SER A 45 -13.50 16.93 13.86
C SER A 45 -12.22 16.36 13.26
N GLY A 46 -12.34 15.18 12.65
CA GLY A 46 -11.19 14.54 12.04
C GLY A 46 -10.99 14.98 10.60
N GLY A 1 0.89 -10.56 8.10
CA GLY A 1 0.34 -11.85 7.72
C GLY A 1 1.41 -12.93 7.60
N SER A 2 1.58 -13.70 8.67
CA SER A 2 2.58 -14.77 8.68
C SER A 2 2.28 -15.81 7.60
N SER A 3 2.86 -15.60 6.42
CA SER A 3 2.66 -16.52 5.31
C SER A 3 3.90 -16.60 4.43
N GLY A 4 3.89 -17.50 3.46
CA GLY A 4 5.02 -17.66 2.58
C GLY A 4 5.10 -16.56 1.54
N SER A 5 6.28 -15.95 1.41
CA SER A 5 6.49 -14.87 0.46
C SER A 5 7.03 -15.41 -0.86
N SER A 6 8.03 -16.28 -0.77
CA SER A 6 8.64 -16.87 -1.96
C SER A 6 7.57 -17.30 -2.96
N GLY A 7 7.59 -16.70 -4.15
CA GLY A 7 6.63 -17.05 -5.17
C GLY A 7 6.55 -16.01 -6.28
N THR A 8 5.51 -16.09 -7.09
CA THR A 8 5.33 -15.15 -8.20
C THR A 8 4.92 -13.77 -7.69
N GLY A 9 5.89 -12.88 -7.55
CA GLY A 9 5.60 -11.53 -7.07
C GLY A 9 5.46 -10.53 -8.20
N GLU A 10 6.56 -10.28 -8.91
CA GLU A 10 6.56 -9.33 -10.02
C GLU A 10 5.71 -8.11 -9.68
N LYS A 11 5.97 -7.51 -8.53
CA LYS A 11 5.23 -6.33 -8.09
C LYS A 11 6.17 -5.14 -7.91
N PRO A 12 6.61 -4.55 -9.03
CA PRO A 12 7.51 -3.40 -9.02
C PRO A 12 6.83 -2.13 -8.53
N TYR A 13 5.57 -2.27 -8.12
CA TYR A 13 4.80 -1.13 -7.62
C TYR A 13 4.64 -1.21 -6.10
N LYS A 14 4.98 -0.11 -5.43
CA LYS A 14 4.88 -0.05 -3.98
C LYS A 14 4.06 1.16 -3.54
N CYS A 15 3.12 0.93 -2.63
CA CYS A 15 2.26 2.00 -2.13
C CYS A 15 2.99 2.82 -1.07
N SER A 16 3.35 4.05 -1.43
CA SER A 16 4.06 4.94 -0.51
C SER A 16 3.13 5.36 0.64
N ASP A 17 1.83 5.28 0.42
CA ASP A 17 0.85 5.65 1.43
C ASP A 17 1.07 4.86 2.71
N CYS A 18 1.01 3.53 2.60
CA CYS A 18 1.20 2.65 3.75
C CYS A 18 2.49 1.86 3.62
N GLY A 19 2.70 1.26 2.44
CA GLY A 19 3.90 0.48 2.21
C GLY A 19 3.59 -0.94 1.78
N LYS A 20 2.78 -1.07 0.73
CA LYS A 20 2.40 -2.38 0.21
C LYS A 20 3.02 -2.62 -1.16
N SER A 21 2.77 -3.80 -1.72
CA SER A 21 3.31 -4.15 -3.03
C SER A 21 2.20 -4.67 -3.94
N PHE A 22 2.08 -4.07 -5.12
CA PHE A 22 1.06 -4.47 -6.09
C PHE A 22 1.71 -4.94 -7.39
N THR A 23 1.02 -5.84 -8.08
CA THR A 23 1.52 -6.38 -9.35
C THR A 23 1.23 -5.42 -10.51
N TRP A 24 -0.03 -5.01 -10.62
CA TRP A 24 -0.43 -4.10 -11.69
C TRP A 24 -0.51 -2.67 -11.17
N LYS A 25 -0.20 -1.71 -12.03
CA LYS A 25 -0.23 -0.30 -11.67
C LYS A 25 -1.66 0.14 -11.32
N SER A 26 -2.54 0.10 -12.30
CA SER A 26 -3.94 0.49 -12.09
C SER A 26 -4.42 0.06 -10.72
N ARG A 27 -4.24 -1.23 -10.42
CA ARG A 27 -4.66 -1.77 -9.13
C ARG A 27 -4.23 -0.86 -7.98
N LEU A 28 -2.94 -0.54 -7.94
CA LEU A 28 -2.40 0.31 -6.89
C LEU A 28 -3.26 1.56 -6.71
N ARG A 29 -3.53 2.25 -7.82
CA ARG A 29 -4.35 3.46 -7.78
C ARG A 29 -5.66 3.21 -7.03
N ILE A 30 -6.15 1.98 -7.10
CA ILE A 30 -7.39 1.62 -6.42
C ILE A 30 -7.21 1.60 -4.91
N HIS A 31 -6.04 1.13 -4.46
CA HIS A 31 -5.73 1.06 -3.04
C HIS A 31 -5.48 2.45 -2.47
N GLN A 32 -4.60 3.21 -3.12
CA GLN A 32 -4.27 4.56 -2.68
C GLN A 32 -5.50 5.27 -2.12
N LYS A 33 -6.52 5.44 -2.97
CA LYS A 33 -7.76 6.10 -2.55
C LYS A 33 -8.38 5.38 -1.36
N CYS A 34 -8.32 4.05 -1.37
CA CYS A 34 -8.88 3.24 -0.30
C CYS A 34 -8.59 3.87 1.05
N HIS A 35 -7.36 4.35 1.23
CA HIS A 35 -6.96 4.98 2.48
C HIS A 35 -7.94 6.08 2.89
N THR A 36 -8.95 5.70 3.66
CA THR A 36 -9.96 6.65 4.11
C THR A 36 -10.18 6.54 5.62
N GLY A 37 -9.10 6.42 6.37
CA GLY A 37 -9.20 6.31 7.81
C GLY A 37 -8.78 7.58 8.53
N GLU A 38 -9.29 7.77 9.73
CA GLU A 38 -8.97 8.95 10.53
C GLU A 38 -8.28 8.57 11.83
N ARG A 39 -7.23 7.75 11.72
CA ARG A 39 -6.48 7.31 12.89
C ARG A 39 -5.02 7.09 12.55
N HIS A 40 -4.15 7.89 13.18
CA HIS A 40 -2.72 7.80 12.94
C HIS A 40 -2.42 7.56 11.46
N SER A 41 -3.15 8.26 10.60
CA SER A 41 -2.97 8.12 9.16
C SER A 41 -1.82 9.00 8.67
N GLY A 42 -0.72 8.99 9.43
CA GLY A 42 0.44 9.78 9.05
C GLY A 42 0.24 11.26 9.33
N PRO A 43 0.50 11.66 10.59
CA PRO A 43 0.35 13.05 11.01
C PRO A 43 1.42 13.96 10.41
N SER A 44 1.16 15.26 10.40
CA SER A 44 2.09 16.24 9.85
C SER A 44 2.56 17.21 10.92
N SER A 45 3.76 17.75 10.74
CA SER A 45 4.33 18.71 11.69
C SER A 45 4.09 20.14 11.23
N GLY A 46 2.89 20.41 10.73
CA GLY A 46 2.55 21.74 10.27
C GLY A 46 1.32 21.76 9.37
N GLY A 1 2.62 -8.72 16.97
CA GLY A 1 4.01 -8.74 16.60
C GLY A 1 4.21 -8.97 15.11
N SER A 2 3.46 -8.25 14.29
CA SER A 2 3.55 -8.39 12.84
C SER A 2 3.63 -7.02 12.16
N SER A 3 4.85 -6.61 11.81
CA SER A 3 5.05 -5.32 11.16
C SER A 3 5.89 -5.48 9.89
N GLY A 4 7.11 -5.99 10.06
CA GLY A 4 7.99 -6.18 8.91
C GLY A 4 9.44 -6.36 9.33
N SER A 5 10.15 -7.23 8.61
CA SER A 5 11.56 -7.49 8.90
C SER A 5 12.44 -7.06 7.74
N SER A 6 12.10 -7.53 6.55
CA SER A 6 12.88 -7.21 5.35
C SER A 6 12.09 -7.57 4.09
N GLY A 7 11.68 -6.55 3.35
CA GLY A 7 10.93 -6.77 2.12
C GLY A 7 11.09 -5.64 1.12
N THR A 8 11.92 -5.86 0.10
CA THR A 8 12.15 -4.84 -0.92
C THR A 8 10.90 -4.62 -1.77
N GLY A 9 10.39 -5.69 -2.35
CA GLY A 9 9.21 -5.59 -3.19
C GLY A 9 9.49 -5.87 -4.65
N GLU A 10 9.22 -7.11 -5.07
CA GLU A 10 9.46 -7.51 -6.45
C GLU A 10 8.59 -6.69 -7.41
N LYS A 11 7.28 -6.89 -7.32
CA LYS A 11 6.34 -6.17 -8.18
C LYS A 11 6.83 -4.75 -8.45
N PRO A 12 6.59 -4.27 -9.68
CA PRO A 12 7.00 -2.92 -10.10
C PRO A 12 6.18 -1.83 -9.40
N TYR A 13 5.30 -2.24 -8.51
CA TYR A 13 4.46 -1.30 -7.78
C TYR A 13 4.46 -1.61 -6.29
N LYS A 14 4.67 -0.59 -5.47
CA LYS A 14 4.70 -0.75 -4.02
C LYS A 14 4.32 0.56 -3.32
N CYS A 15 3.16 0.57 -2.68
CA CYS A 15 2.69 1.75 -1.96
C CYS A 15 3.71 2.18 -0.91
N SER A 16 4.10 3.45 -0.97
CA SER A 16 5.07 3.99 -0.01
C SER A 16 4.37 4.53 1.23
N ASP A 17 3.07 4.82 1.09
CA ASP A 17 2.29 5.35 2.20
C ASP A 17 2.27 4.36 3.36
N CYS A 18 1.93 3.11 3.05
CA CYS A 18 1.87 2.06 4.07
C CYS A 18 2.89 0.96 3.79
N GLY A 19 2.94 0.51 2.53
CA GLY A 19 3.87 -0.53 2.15
C GLY A 19 3.20 -1.66 1.41
N LYS A 20 2.05 -1.38 0.81
CA LYS A 20 1.30 -2.38 0.06
C LYS A 20 2.03 -2.74 -1.23
N SER A 21 1.46 -3.67 -1.99
CA SER A 21 2.05 -4.12 -3.25
C SER A 21 0.98 -4.42 -4.28
N PHE A 22 1.31 -4.24 -5.55
CA PHE A 22 0.37 -4.50 -6.63
C PHE A 22 1.11 -4.91 -7.91
N THR A 23 0.50 -5.80 -8.68
CA THR A 23 1.10 -6.28 -9.92
C THR A 23 0.67 -5.42 -11.10
N TRP A 24 -0.59 -5.01 -11.10
CA TRP A 24 -1.13 -4.17 -12.18
C TRP A 24 -1.23 -2.72 -11.73
N LYS A 25 -0.97 -1.80 -12.66
CA LYS A 25 -1.03 -0.37 -12.37
C LYS A 25 -2.40 -0.01 -11.80
N SER A 26 -3.43 -0.15 -12.62
CA SER A 26 -4.80 0.18 -12.19
C SER A 26 -5.01 -0.22 -10.74
N ARG A 27 -4.76 -1.49 -10.42
CA ARG A 27 -4.94 -2.00 -9.07
C ARG A 27 -4.41 -0.99 -8.04
N LEU A 28 -3.13 -0.66 -8.16
CA LEU A 28 -2.50 0.29 -7.24
C LEU A 28 -3.38 1.52 -7.05
N ARG A 29 -3.79 2.13 -8.16
CA ARG A 29 -4.63 3.33 -8.12
C ARG A 29 -5.84 3.10 -7.23
N ILE A 30 -6.32 1.86 -7.18
CA ILE A 30 -7.47 1.50 -6.36
C ILE A 30 -7.17 1.66 -4.88
N HIS A 31 -5.96 1.26 -4.49
CA HIS A 31 -5.54 1.36 -3.10
C HIS A 31 -5.57 2.82 -2.63
N GLN A 32 -4.87 3.68 -3.35
CA GLN A 32 -4.81 5.10 -3.00
C GLN A 32 -6.16 5.58 -2.48
N LYS A 33 -7.21 5.36 -3.28
CA LYS A 33 -8.55 5.78 -2.91
C LYS A 33 -8.85 5.41 -1.46
N CYS A 34 -8.47 4.20 -1.06
CA CYS A 34 -8.70 3.73 0.30
C CYS A 34 -8.07 4.68 1.32
N HIS A 35 -6.78 4.96 1.15
CA HIS A 35 -6.07 5.84 2.05
C HIS A 35 -6.89 7.09 2.35
N THR A 36 -7.31 7.79 1.28
CA THR A 36 -8.10 9.00 1.43
C THR A 36 -9.54 8.68 1.76
N GLY A 37 -9.89 8.77 3.04
CA GLY A 37 -11.25 8.49 3.47
C GLY A 37 -11.31 7.95 4.88
N GLU A 38 -11.12 6.65 5.02
CA GLU A 38 -11.16 6.02 6.34
C GLU A 38 -9.75 5.87 6.92
N ARG A 39 -8.96 6.93 6.81
CA ARG A 39 -7.59 6.92 7.32
C ARG A 39 -7.52 6.23 8.67
N HIS A 40 -7.03 5.00 8.68
CA HIS A 40 -6.91 4.23 9.91
C HIS A 40 -5.50 4.35 10.50
N SER A 41 -4.50 4.08 9.66
CA SER A 41 -3.12 4.16 10.10
C SER A 41 -2.83 5.49 10.78
N GLY A 42 -1.61 5.62 11.31
CA GLY A 42 -1.24 6.86 11.98
C GLY A 42 -0.61 7.87 11.04
N PRO A 43 0.17 8.81 11.59
CA PRO A 43 0.83 9.85 10.81
C PRO A 43 1.96 9.30 9.96
N SER A 44 2.15 7.98 10.00
CA SER A 44 3.19 7.33 9.23
C SER A 44 2.98 7.52 7.74
N SER A 45 3.79 8.38 7.13
CA SER A 45 3.68 8.67 5.71
C SER A 45 5.06 8.78 5.06
N GLY A 46 5.14 8.48 3.77
CA GLY A 46 6.41 8.55 3.06
C GLY A 46 6.66 9.92 2.46
N GLY A 1 18.60 0.49 3.69
CA GLY A 1 18.26 0.25 5.08
C GLY A 1 18.74 -1.10 5.57
N SER A 2 17.82 -1.90 6.10
CA SER A 2 18.16 -3.22 6.61
C SER A 2 18.02 -4.28 5.52
N SER A 3 19.13 -4.52 4.81
CA SER A 3 19.14 -5.49 3.73
C SER A 3 18.77 -6.88 4.24
N GLY A 4 17.59 -7.36 3.85
CA GLY A 4 17.14 -8.66 4.30
C GLY A 4 15.63 -8.73 4.44
N SER A 5 14.91 -8.22 3.45
CA SER A 5 13.46 -8.22 3.48
C SER A 5 12.88 -8.93 2.25
N SER A 6 13.45 -8.65 1.10
CA SER A 6 13.01 -9.26 -0.15
C SER A 6 12.55 -10.69 0.09
N GLY A 7 11.24 -10.93 -0.03
CA GLY A 7 10.70 -12.26 0.17
C GLY A 7 9.27 -12.38 -0.33
N THR A 8 8.47 -11.35 -0.09
CA THR A 8 7.08 -11.36 -0.51
C THR A 8 6.95 -10.94 -1.97
N GLY A 9 7.87 -11.41 -2.80
CA GLY A 9 7.84 -11.07 -4.22
C GLY A 9 8.22 -9.62 -4.47
N GLU A 10 8.87 -9.37 -5.61
CA GLU A 10 9.29 -8.03 -5.98
C GLU A 10 8.42 -7.47 -7.10
N LYS A 11 7.27 -6.92 -6.73
CA LYS A 11 6.35 -6.35 -7.70
C LYS A 11 6.89 -5.04 -8.26
N PRO A 12 6.57 -4.75 -9.53
CA PRO A 12 7.01 -3.53 -10.21
C PRO A 12 6.33 -2.29 -9.65
N TYR A 13 5.51 -2.47 -8.63
CA TYR A 13 4.81 -1.35 -8.01
C TYR A 13 4.78 -1.50 -6.49
N LYS A 14 4.74 -0.38 -5.79
CA LYS A 14 4.72 -0.38 -4.33
C LYS A 14 3.95 0.83 -3.80
N CYS A 15 2.94 0.57 -2.98
CA CYS A 15 2.13 1.64 -2.40
C CYS A 15 2.97 2.53 -1.49
N SER A 16 3.09 3.80 -1.87
CA SER A 16 3.88 4.75 -1.08
C SER A 16 3.02 5.39 0.01
N ASP A 17 2.20 4.57 0.66
CA ASP A 17 1.33 5.04 1.73
C ASP A 17 1.43 4.14 2.95
N CYS A 18 1.19 2.85 2.75
CA CYS A 18 1.24 1.87 3.84
C CYS A 18 2.48 0.99 3.72
N GLY A 19 2.76 0.54 2.49
CA GLY A 19 3.92 -0.30 2.26
C GLY A 19 3.53 -1.66 1.68
N LYS A 20 2.78 -1.64 0.59
CA LYS A 20 2.35 -2.87 -0.05
C LYS A 20 2.91 -2.98 -1.46
N SER A 21 2.77 -4.15 -2.07
CA SER A 21 3.27 -4.38 -3.42
C SER A 21 2.15 -4.88 -4.34
N PHE A 22 1.98 -4.20 -5.46
CA PHE A 22 0.95 -4.58 -6.43
C PHE A 22 1.56 -4.85 -7.80
N THR A 23 0.87 -5.66 -8.60
CA THR A 23 1.34 -6.02 -9.92
C THR A 23 0.85 -5.02 -10.97
N TRP A 24 -0.44 -4.71 -10.93
CA TRP A 24 -1.04 -3.76 -11.86
C TRP A 24 -1.18 -2.38 -11.23
N LYS A 25 -0.67 -1.37 -11.91
CA LYS A 25 -0.74 0.01 -11.41
C LYS A 25 -2.19 0.44 -11.24
N SER A 26 -3.04 0.04 -12.18
CA SER A 26 -4.45 0.40 -12.14
C SER A 26 -5.07 0.03 -10.79
N ARG A 27 -4.76 -1.18 -10.33
CA ARG A 27 -5.29 -1.66 -9.05
C ARG A 27 -4.82 -0.77 -7.91
N LEU A 28 -3.55 -0.38 -7.95
CA LEU A 28 -2.99 0.48 -6.91
C LEU A 28 -3.80 1.76 -6.76
N ARG A 29 -4.08 2.40 -7.88
CA ARG A 29 -4.85 3.65 -7.87
C ARG A 29 -6.04 3.55 -6.93
N ILE A 30 -6.77 2.44 -7.04
CA ILE A 30 -7.94 2.22 -6.19
C ILE A 30 -7.54 1.97 -4.74
N HIS A 31 -6.39 1.33 -4.56
CA HIS A 31 -5.87 1.03 -3.22
C HIS A 31 -5.32 2.29 -2.56
N GLN A 32 -4.90 3.24 -3.38
CA GLN A 32 -4.33 4.49 -2.88
C GLN A 32 -5.43 5.42 -2.39
N LYS A 33 -6.56 5.43 -3.11
CA LYS A 33 -7.69 6.28 -2.74
C LYS A 33 -8.38 5.75 -1.49
N CYS A 34 -8.19 4.47 -1.22
CA CYS A 34 -8.81 3.84 -0.05
C CYS A 34 -7.93 4.02 1.18
N HIS A 35 -7.12 5.07 1.18
CA HIS A 35 -6.23 5.35 2.31
C HIS A 35 -6.62 6.66 2.98
N THR A 36 -7.91 6.87 3.15
CA THR A 36 -8.42 8.09 3.79
C THR A 36 -8.99 7.79 5.16
N GLY A 37 -8.12 7.72 6.16
CA GLY A 37 -8.55 7.43 7.52
C GLY A 37 -7.90 8.36 8.54
N GLU A 38 -6.63 8.67 8.32
CA GLU A 38 -5.89 9.54 9.23
C GLU A 38 -6.78 10.69 9.70
N ARG A 39 -6.91 10.82 11.03
CA ARG A 39 -7.73 11.87 11.61
C ARG A 39 -7.12 12.36 12.92
N HIS A 40 -7.19 13.66 13.17
CA HIS A 40 -6.66 14.25 14.39
C HIS A 40 -6.85 13.31 15.57
N SER A 41 -5.75 12.96 16.22
CA SER A 41 -5.79 12.05 17.37
C SER A 41 -5.05 12.66 18.56
N GLY A 42 -5.45 12.25 19.77
CA GLY A 42 -4.81 12.75 20.97
C GLY A 42 -5.75 12.78 22.15
N PRO A 43 -5.23 13.19 23.31
CA PRO A 43 -6.02 13.28 24.55
C PRO A 43 -7.05 14.40 24.51
N SER A 44 -8.27 14.09 24.97
CA SER A 44 -9.35 15.07 24.98
C SER A 44 -10.40 14.70 26.02
N SER A 45 -11.08 15.72 26.55
CA SER A 45 -12.12 15.50 27.55
C SER A 45 -13.46 15.18 26.90
N GLY A 46 -14.03 14.05 27.27
CA GLY A 46 -15.31 13.65 26.71
C GLY A 46 -16.38 13.48 27.76
N GLY A 1 -0.51 -7.62 11.94
CA GLY A 1 0.84 -8.16 11.87
C GLY A 1 1.43 -8.07 10.48
N SER A 2 2.62 -7.47 10.38
CA SER A 2 3.29 -7.31 9.10
C SER A 2 4.14 -8.53 8.78
N SER A 3 4.25 -8.84 7.49
CA SER A 3 5.04 -9.99 7.05
C SER A 3 6.21 -9.54 6.18
N GLY A 4 7.39 -10.11 6.44
CA GLY A 4 8.57 -9.76 5.69
C GLY A 4 8.42 -10.06 4.21
N SER A 5 9.54 -10.15 3.50
CA SER A 5 9.52 -10.43 2.07
C SER A 5 10.72 -11.28 1.66
N SER A 6 10.47 -12.28 0.83
CA SER A 6 11.53 -13.17 0.37
C SER A 6 11.14 -13.85 -0.93
N GLY A 7 12.05 -14.66 -1.48
CA GLY A 7 11.78 -15.35 -2.73
C GLY A 7 11.80 -14.42 -3.93
N THR A 8 12.30 -14.92 -5.04
CA THR A 8 12.38 -14.13 -6.27
C THR A 8 11.00 -13.89 -6.86
N GLY A 9 10.34 -12.84 -6.39
CA GLY A 9 9.01 -12.53 -6.89
C GLY A 9 8.53 -11.16 -6.44
N GLU A 10 9.39 -10.16 -6.60
CA GLU A 10 9.06 -8.79 -6.22
C GLU A 10 8.07 -8.18 -7.20
N LYS A 11 7.41 -7.11 -6.77
CA LYS A 11 6.44 -6.42 -7.62
C LYS A 11 7.03 -5.11 -8.16
N PRO A 12 6.67 -4.79 -9.41
CA PRO A 12 7.13 -3.57 -10.08
C PRO A 12 6.53 -2.31 -9.48
N TYR A 13 5.65 -2.49 -8.49
CA TYR A 13 5.00 -1.36 -7.83
C TYR A 13 4.99 -1.56 -6.31
N LYS A 14 4.71 -0.48 -5.59
CA LYS A 14 4.66 -0.53 -4.13
C LYS A 14 4.04 0.75 -3.57
N CYS A 15 2.87 0.60 -2.95
CA CYS A 15 2.17 1.75 -2.38
C CYS A 15 3.11 2.56 -1.49
N SER A 16 2.84 3.86 -1.39
CA SER A 16 3.65 4.75 -0.58
C SER A 16 2.99 5.03 0.76
N ASP A 17 1.66 5.07 0.76
CA ASP A 17 0.91 5.33 1.98
C ASP A 17 1.29 4.36 3.08
N CYS A 18 1.16 3.07 2.81
CA CYS A 18 1.50 2.03 3.78
C CYS A 18 2.76 1.28 3.36
N GLY A 19 2.79 0.87 2.09
CA GLY A 19 3.94 0.15 1.58
C GLY A 19 3.56 -1.16 0.92
N LYS A 20 2.28 -1.31 0.60
CA LYS A 20 1.78 -2.53 -0.03
C LYS A 20 2.41 -2.72 -1.40
N SER A 21 2.20 -3.89 -1.99
CA SER A 21 2.74 -4.20 -3.30
C SER A 21 1.62 -4.46 -4.31
N PHE A 22 1.88 -4.12 -5.57
CA PHE A 22 0.90 -4.32 -6.63
C PHE A 22 1.59 -4.72 -7.94
N THR A 23 0.87 -5.45 -8.78
CA THR A 23 1.40 -5.89 -10.06
C THR A 23 1.01 -4.93 -11.18
N TRP A 24 -0.18 -4.36 -11.08
CA TRP A 24 -0.67 -3.42 -12.09
C TRP A 24 -0.99 -2.07 -11.45
N LYS A 25 -0.85 -1.01 -12.24
CA LYS A 25 -1.12 0.35 -11.77
C LYS A 25 -2.58 0.47 -11.32
N SER A 26 -3.50 0.36 -12.27
CA SER A 26 -4.93 0.47 -11.97
C SER A 26 -5.24 -0.17 -10.63
N ARG A 27 -4.66 -1.33 -10.38
CA ARG A 27 -4.89 -2.06 -9.13
C ARG A 27 -4.44 -1.22 -7.93
N LEU A 28 -3.26 -0.61 -8.05
CA LEU A 28 -2.72 0.22 -6.97
C LEU A 28 -3.63 1.41 -6.70
N ARG A 29 -3.87 2.20 -7.74
CA ARG A 29 -4.72 3.38 -7.61
C ARG A 29 -5.94 3.08 -6.75
N ILE A 30 -6.60 1.96 -7.03
CA ILE A 30 -7.79 1.55 -6.27
C ILE A 30 -7.48 1.46 -4.78
N HIS A 31 -6.28 1.00 -4.45
CA HIS A 31 -5.86 0.87 -3.06
C HIS A 31 -5.41 2.21 -2.50
N GLN A 32 -4.77 3.02 -3.33
CA GLN A 32 -4.28 4.33 -2.92
C GLN A 32 -5.42 5.15 -2.32
N LYS A 33 -6.46 5.40 -3.11
CA LYS A 33 -7.60 6.18 -2.65
C LYS A 33 -8.06 5.71 -1.28
N CYS A 34 -8.06 4.40 -1.07
CA CYS A 34 -8.48 3.82 0.20
C CYS A 34 -7.97 4.66 1.37
N HIS A 35 -6.70 5.01 1.33
CA HIS A 35 -6.09 5.81 2.39
C HIS A 35 -6.80 7.16 2.53
N THR A 36 -6.78 7.95 1.46
CA THR A 36 -7.43 9.26 1.47
C THR A 36 -8.95 9.12 1.37
N GLY A 37 -9.64 10.24 1.58
CA GLY A 37 -11.09 10.22 1.50
C GLY A 37 -11.74 10.65 2.80
N GLU A 38 -10.99 11.39 3.62
CA GLU A 38 -11.50 11.86 4.90
C GLU A 38 -11.15 13.34 5.12
N ARG A 39 -11.79 13.94 6.12
CA ARG A 39 -11.54 15.35 6.43
C ARG A 39 -11.11 15.52 7.88
N HIS A 40 -10.32 14.57 8.38
CA HIS A 40 -9.84 14.62 9.76
C HIS A 40 -8.32 14.53 9.81
N SER A 41 -7.76 13.64 9.00
CA SER A 41 -6.32 13.44 8.96
C SER A 41 -5.61 14.72 8.48
N GLY A 42 -5.98 15.18 7.29
CA GLY A 42 -5.38 16.38 6.75
C GLY A 42 -5.22 16.31 5.23
N PRO A 43 -5.22 17.48 4.58
CA PRO A 43 -5.09 17.58 3.13
C PRO A 43 -3.67 17.22 2.66
N SER A 44 -2.69 17.43 3.53
CA SER A 44 -1.30 17.12 3.20
C SER A 44 -0.41 17.30 4.42
N SER A 45 0.83 16.82 4.31
CA SER A 45 1.79 16.93 5.41
C SER A 45 2.42 18.32 5.46
N GLY A 46 1.57 19.34 5.36
CA GLY A 46 2.06 20.70 5.39
C GLY A 46 1.04 21.68 5.96
N GLY A 1 15.67 -11.79 6.03
CA GLY A 1 16.23 -11.33 4.78
C GLY A 1 17.54 -10.61 4.96
N SER A 2 17.76 -9.57 4.15
CA SER A 2 18.99 -8.79 4.23
C SER A 2 18.74 -7.34 3.83
N SER A 3 19.75 -6.49 4.03
CA SER A 3 19.64 -5.08 3.70
C SER A 3 19.94 -4.84 2.22
N GLY A 4 19.15 -3.98 1.58
CA GLY A 4 19.35 -3.69 0.18
C GLY A 4 18.08 -3.78 -0.62
N SER A 5 17.88 -4.91 -1.31
CA SER A 5 16.70 -5.12 -2.12
C SER A 5 15.65 -5.94 -1.38
N SER A 6 14.74 -5.25 -0.70
CA SER A 6 13.69 -5.92 0.06
C SER A 6 13.25 -7.21 -0.63
N GLY A 7 12.83 -7.08 -1.88
CA GLY A 7 12.39 -8.23 -2.64
C GLY A 7 11.36 -9.06 -1.89
N THR A 8 10.41 -8.38 -1.25
CA THR A 8 9.36 -9.06 -0.50
C THR A 8 8.05 -9.07 -1.25
N GLY A 9 7.87 -8.07 -2.13
CA GLY A 9 6.64 -7.98 -2.91
C GLY A 9 6.78 -8.62 -4.28
N GLU A 10 7.87 -8.31 -4.97
CA GLU A 10 8.12 -8.85 -6.29
C GLU A 10 7.23 -8.18 -7.33
N LYS A 11 7.03 -6.87 -7.17
CA LYS A 11 6.20 -6.11 -8.09
C LYS A 11 6.84 -4.77 -8.42
N PRO A 12 6.64 -4.29 -9.66
CA PRO A 12 7.20 -3.01 -10.11
C PRO A 12 6.53 -1.81 -9.45
N TYR A 13 5.46 -2.08 -8.72
CA TYR A 13 4.72 -1.02 -8.03
C TYR A 13 4.72 -1.25 -6.52
N LYS A 14 4.44 -0.19 -5.77
CA LYS A 14 4.41 -0.27 -4.31
C LYS A 14 3.85 1.01 -3.71
N CYS A 15 2.71 0.88 -3.02
CA CYS A 15 2.06 2.01 -2.40
C CYS A 15 3.00 2.73 -1.43
N SER A 16 3.39 3.94 -1.79
CA SER A 16 4.31 4.73 -0.96
C SER A 16 3.55 5.43 0.16
N ASP A 17 2.57 4.74 0.73
CA ASP A 17 1.77 5.29 1.82
C ASP A 17 1.70 4.31 3.00
N CYS A 18 1.51 3.04 2.68
CA CYS A 18 1.41 2.00 3.71
C CYS A 18 2.60 1.05 3.63
N GLY A 19 2.86 0.53 2.43
CA GLY A 19 3.95 -0.40 2.25
C GLY A 19 3.51 -1.72 1.65
N LYS A 20 2.66 -1.65 0.63
CA LYS A 20 2.16 -2.86 -0.03
C LYS A 20 2.64 -2.94 -1.47
N SER A 21 2.59 -4.13 -2.04
CA SER A 21 3.02 -4.35 -3.42
C SER A 21 1.85 -4.65 -4.33
N PHE A 22 1.93 -4.20 -5.57
CA PHE A 22 0.87 -4.42 -6.55
C PHE A 22 1.44 -4.71 -7.93
N THR A 23 0.91 -5.75 -8.57
CA THR A 23 1.37 -6.13 -9.90
C THR A 23 0.92 -5.15 -10.96
N TRP A 24 -0.35 -4.75 -10.88
CA TRP A 24 -0.91 -3.80 -11.83
C TRP A 24 -0.94 -2.39 -11.24
N LYS A 25 -0.60 -1.40 -12.07
CA LYS A 25 -0.59 -0.01 -11.62
C LYS A 25 -1.99 0.45 -11.27
N SER A 26 -2.95 0.17 -12.15
CA SER A 26 -4.34 0.56 -11.92
C SER A 26 -4.84 0.06 -10.57
N ARG A 27 -4.61 -1.22 -10.31
CA ARG A 27 -5.04 -1.83 -9.04
C ARG A 27 -4.60 -0.99 -7.86
N LEU A 28 -3.32 -0.63 -7.84
CA LEU A 28 -2.77 0.18 -6.75
C LEU A 28 -3.60 1.43 -6.53
N ARG A 29 -3.85 2.17 -7.60
CA ARG A 29 -4.64 3.40 -7.52
C ARG A 29 -5.94 3.16 -6.75
N ILE A 30 -6.62 2.07 -7.10
CA ILE A 30 -7.88 1.72 -6.45
C ILE A 30 -7.67 1.42 -4.96
N HIS A 31 -6.43 1.14 -4.60
CA HIS A 31 -6.09 0.84 -3.21
C HIS A 31 -5.67 2.11 -2.47
N GLN A 32 -4.62 2.76 -2.96
CA GLN A 32 -4.12 3.98 -2.34
C GLN A 32 -5.24 5.02 -2.19
N LYS A 33 -6.17 5.01 -3.14
CA LYS A 33 -7.29 5.95 -3.12
C LYS A 33 -8.20 5.68 -1.92
N CYS A 34 -8.10 4.47 -1.37
CA CYS A 34 -8.92 4.08 -0.23
C CYS A 34 -8.41 4.76 1.05
N HIS A 35 -7.09 4.89 1.16
CA HIS A 35 -6.48 5.52 2.33
C HIS A 35 -7.30 6.73 2.78
N THR A 36 -7.71 7.55 1.82
CA THR A 36 -8.48 8.75 2.13
C THR A 36 -9.47 8.49 3.27
N GLY A 37 -9.26 9.18 4.39
CA GLY A 37 -10.13 9.01 5.54
C GLY A 37 -9.38 8.60 6.78
N GLU A 38 -8.82 7.40 6.78
CA GLU A 38 -8.07 6.89 7.92
C GLU A 38 -6.59 7.26 7.80
N ARG A 39 -5.86 7.09 8.90
CA ARG A 39 -4.44 7.40 8.92
C ARG A 39 -3.64 6.29 9.59
N HIS A 40 -2.57 5.86 8.94
CA HIS A 40 -1.72 4.80 9.47
C HIS A 40 -0.32 4.87 8.87
N SER A 41 0.67 5.16 9.72
CA SER A 41 2.05 5.26 9.28
C SER A 41 3.00 5.44 10.46
N GLY A 42 4.17 4.83 10.37
CA GLY A 42 5.14 4.95 11.44
C GLY A 42 6.57 4.75 10.96
N PRO A 43 7.07 3.52 11.06
CA PRO A 43 8.44 3.18 10.64
C PRO A 43 8.60 3.22 9.13
N SER A 44 9.55 4.01 8.65
CA SER A 44 9.80 4.14 7.23
C SER A 44 10.50 2.90 6.68
N SER A 45 10.56 2.78 5.36
CA SER A 45 11.20 1.65 4.72
C SER A 45 12.32 2.10 3.78
N GLY A 46 11.96 2.97 2.84
CA GLY A 46 12.94 3.48 1.90
C GLY A 46 13.33 2.45 0.85
N GLY A 1 17.25 0.36 9.91
CA GLY A 1 18.11 -0.65 9.31
C GLY A 1 17.47 -1.34 8.13
N SER A 2 17.59 -0.74 6.96
CA SER A 2 17.02 -1.30 5.74
C SER A 2 17.62 -2.67 5.44
N SER A 3 16.81 -3.54 4.83
CA SER A 3 17.25 -4.88 4.48
C SER A 3 16.34 -5.50 3.43
N GLY A 4 16.92 -6.34 2.57
CA GLY A 4 16.14 -6.98 1.53
C GLY A 4 14.79 -7.47 2.03
N SER A 5 13.80 -7.45 1.15
CA SER A 5 12.46 -7.89 1.50
C SER A 5 12.30 -9.39 1.28
N SER A 6 12.39 -10.16 2.35
CA SER A 6 12.26 -11.61 2.28
C SER A 6 10.79 -12.03 2.28
N GLY A 7 10.33 -12.54 1.14
CA GLY A 7 8.95 -12.96 1.03
C GLY A 7 8.33 -12.60 -0.31
N THR A 8 7.01 -12.61 -0.37
CA THR A 8 6.30 -12.27 -1.60
C THR A 8 6.30 -10.77 -1.86
N GLY A 9 7.24 -10.31 -2.67
CA GLY A 9 7.33 -8.89 -2.98
C GLY A 9 8.28 -8.61 -4.13
N GLU A 10 7.92 -9.09 -5.32
CA GLU A 10 8.75 -8.88 -6.50
C GLU A 10 7.96 -8.16 -7.59
N LYS A 11 7.23 -7.12 -7.19
CA LYS A 11 6.43 -6.34 -8.13
C LYS A 11 7.07 -4.98 -8.37
N PRO A 12 6.96 -4.48 -9.60
CA PRO A 12 7.51 -3.17 -9.99
C PRO A 12 6.74 -2.02 -9.36
N TYR A 13 5.64 -2.33 -8.69
CA TYR A 13 4.82 -1.32 -8.04
C TYR A 13 4.77 -1.54 -6.53
N LYS A 14 4.63 -0.44 -5.79
CA LYS A 14 4.57 -0.51 -4.33
C LYS A 14 4.04 0.79 -3.75
N CYS A 15 3.00 0.68 -2.92
CA CYS A 15 2.40 1.84 -2.29
C CYS A 15 3.37 2.51 -1.32
N SER A 16 3.26 3.83 -1.19
CA SER A 16 4.14 4.57 -0.29
C SER A 16 3.42 4.92 1.01
N ASP A 17 2.10 5.06 0.93
CA ASP A 17 1.29 5.38 2.09
C ASP A 17 1.56 4.41 3.24
N CYS A 18 1.40 3.11 2.95
CA CYS A 18 1.63 2.08 3.96
C CYS A 18 2.85 1.24 3.60
N GLY A 19 2.92 0.82 2.34
CA GLY A 19 4.05 0.01 1.90
C GLY A 19 3.62 -1.34 1.36
N LYS A 20 2.55 -1.34 0.56
CA LYS A 20 2.04 -2.57 -0.02
C LYS A 20 2.61 -2.79 -1.42
N SER A 21 2.38 -3.98 -1.97
CA SER A 21 2.87 -4.32 -3.30
C SER A 21 1.72 -4.67 -4.24
N PHE A 22 1.86 -4.28 -5.50
CA PHE A 22 0.84 -4.54 -6.50
C PHE A 22 1.47 -4.93 -7.84
N THR A 23 0.77 -5.77 -8.60
CA THR A 23 1.26 -6.21 -9.89
C THR A 23 0.86 -5.24 -10.99
N TRP A 24 -0.42 -4.90 -11.04
CA TRP A 24 -0.95 -3.98 -12.05
C TRP A 24 -1.00 -2.56 -11.50
N LYS A 25 -0.76 -1.59 -12.37
CA LYS A 25 -0.78 -0.18 -11.97
C LYS A 25 -2.20 0.26 -11.61
N SER A 26 -3.13 0.07 -12.55
CA SER A 26 -4.52 0.45 -12.32
C SER A 26 -4.98 0.04 -10.92
N ARG A 27 -4.62 -1.19 -10.53
CA ARG A 27 -5.00 -1.71 -9.22
C ARG A 27 -4.49 -0.79 -8.11
N LEU A 28 -3.21 -0.42 -8.18
CA LEU A 28 -2.61 0.45 -7.18
C LEU A 28 -3.53 1.63 -6.86
N ARG A 29 -3.98 2.32 -7.92
CA ARG A 29 -4.86 3.47 -7.76
C ARG A 29 -5.97 3.18 -6.74
N ILE A 30 -6.69 2.09 -6.97
CA ILE A 30 -7.77 1.70 -6.07
C ILE A 30 -7.31 1.69 -4.62
N HIS A 31 -6.05 1.32 -4.40
CA HIS A 31 -5.48 1.28 -3.06
C HIS A 31 -5.42 2.68 -2.45
N GLN A 32 -4.82 3.61 -3.19
CA GLN A 32 -4.69 4.99 -2.72
C GLN A 32 -6.04 5.54 -2.30
N LYS A 33 -7.07 5.20 -3.07
CA LYS A 33 -8.42 5.68 -2.78
C LYS A 33 -8.81 5.39 -1.34
N CYS A 34 -8.64 4.14 -0.91
CA CYS A 34 -8.96 3.75 0.45
C CYS A 34 -8.18 4.58 1.46
N HIS A 35 -6.89 4.75 1.20
CA HIS A 35 -6.02 5.53 2.09
C HIS A 35 -6.61 6.92 2.33
N THR A 36 -7.16 7.52 1.29
CA THR A 36 -7.75 8.84 1.38
C THR A 36 -9.20 8.78 1.86
N GLY A 37 -9.38 8.67 3.18
CA GLY A 37 -10.71 8.59 3.74
C GLY A 37 -10.90 9.52 4.92
N GLU A 38 -10.01 9.43 5.89
CA GLU A 38 -10.09 10.27 7.08
C GLU A 38 -10.33 11.73 6.71
N ARG A 39 -9.89 12.10 5.50
CA ARG A 39 -10.06 13.47 5.01
C ARG A 39 -11.52 13.90 5.12
N HIS A 40 -11.73 15.18 5.40
CA HIS A 40 -13.08 15.73 5.52
C HIS A 40 -13.63 16.13 4.17
N SER A 41 -14.57 15.34 3.66
CA SER A 41 -15.19 15.61 2.36
C SER A 41 -16.13 16.80 2.44
N GLY A 42 -15.60 17.99 2.15
CA GLY A 42 -16.41 19.19 2.19
C GLY A 42 -16.67 19.76 0.82
N PRO A 43 -17.69 19.23 0.13
CA PRO A 43 -18.07 19.68 -1.21
C PRO A 43 -18.67 21.08 -1.21
N SER A 44 -18.26 21.90 -2.16
CA SER A 44 -18.76 23.26 -2.27
C SER A 44 -20.02 23.32 -3.14
N SER A 45 -20.90 24.26 -2.84
CA SER A 45 -22.14 24.41 -3.59
C SER A 45 -21.85 24.80 -5.04
N GLY A 46 -22.31 23.97 -5.96
CA GLY A 46 -22.09 24.24 -7.38
C GLY A 46 -23.27 23.83 -8.23
N GLY A 1 7.56 3.26 11.92
CA GLY A 1 7.64 2.04 11.13
C GLY A 1 6.89 0.90 11.77
N SER A 2 5.59 1.08 11.98
CA SER A 2 4.77 0.04 12.60
C SER A 2 4.26 -0.95 11.55
N SER A 3 3.66 -0.40 10.49
CA SER A 3 3.11 -1.23 9.42
C SER A 3 4.21 -2.09 8.78
N GLY A 4 4.12 -3.40 8.99
CA GLY A 4 5.12 -4.29 8.42
C GLY A 4 4.57 -5.09 7.24
N SER A 5 5.00 -6.34 7.14
CA SER A 5 4.56 -7.20 6.05
C SER A 5 4.71 -6.50 4.71
N SER A 6 5.86 -5.89 4.49
CA SER A 6 6.13 -5.17 3.24
C SER A 6 5.88 -6.07 2.03
N GLY A 7 6.35 -7.31 2.12
CA GLY A 7 6.18 -8.25 1.03
C GLY A 7 7.49 -8.76 0.48
N THR A 8 7.44 -9.88 -0.24
CA THR A 8 8.65 -10.47 -0.82
C THR A 8 8.56 -10.49 -2.33
N GLY A 9 7.41 -10.91 -2.86
CA GLY A 9 7.23 -10.98 -4.29
C GLY A 9 7.45 -9.64 -4.97
N GLU A 10 8.56 -9.53 -5.70
CA GLU A 10 8.90 -8.29 -6.39
C GLU A 10 7.66 -7.70 -7.06
N LYS A 11 7.65 -6.37 -7.20
CA LYS A 11 6.54 -5.67 -7.81
C LYS A 11 6.98 -4.34 -8.40
N PRO A 12 6.49 -4.03 -9.62
CA PRO A 12 6.83 -2.79 -10.32
C PRO A 12 6.21 -1.57 -9.65
N TYR A 13 5.27 -1.80 -8.74
CA TYR A 13 4.62 -0.71 -8.03
C TYR A 13 4.49 -1.03 -6.54
N LYS A 14 4.93 -0.08 -5.71
CA LYS A 14 4.87 -0.26 -4.26
C LYS A 14 4.29 0.98 -3.59
N CYS A 15 3.35 0.76 -2.67
CA CYS A 15 2.71 1.86 -1.95
C CYS A 15 3.62 2.38 -0.84
N SER A 16 4.13 3.59 -1.02
CA SER A 16 5.02 4.20 -0.03
C SER A 16 4.21 4.77 1.14
N ASP A 17 2.91 4.55 1.11
CA ASP A 17 2.03 5.04 2.16
C ASP A 17 1.99 4.07 3.33
N CYS A 18 1.62 2.83 3.06
CA CYS A 18 1.54 1.80 4.08
C CYS A 18 2.64 0.75 3.89
N GLY A 19 2.80 0.30 2.65
CA GLY A 19 3.81 -0.70 2.36
C GLY A 19 3.24 -1.91 1.65
N LYS A 20 2.27 -1.67 0.76
CA LYS A 20 1.63 -2.76 0.02
C LYS A 20 2.28 -2.92 -1.35
N SER A 21 1.96 -4.02 -2.02
CA SER A 21 2.52 -4.29 -3.35
C SER A 21 1.40 -4.51 -4.36
N PHE A 22 1.60 -3.99 -5.58
CA PHE A 22 0.62 -4.12 -6.64
C PHE A 22 1.30 -4.36 -7.99
N THR A 23 1.05 -5.53 -8.57
CA THR A 23 1.64 -5.89 -9.85
C THR A 23 1.00 -5.09 -10.99
N TRP A 24 -0.31 -4.88 -10.90
CA TRP A 24 -1.03 -4.13 -11.92
C TRP A 24 -1.26 -2.70 -11.48
N LYS A 25 -1.22 -1.77 -12.43
CA LYS A 25 -1.44 -0.35 -12.14
C LYS A 25 -2.82 -0.12 -11.53
N SER A 26 -3.86 -0.48 -12.27
CA SER A 26 -5.23 -0.31 -11.81
C SER A 26 -5.35 -0.67 -10.33
N ARG A 27 -4.64 -1.72 -9.92
CA ARG A 27 -4.67 -2.17 -8.53
C ARG A 27 -4.21 -1.06 -7.59
N LEU A 28 -3.02 -0.53 -7.85
CA LEU A 28 -2.47 0.54 -7.03
C LEU A 28 -3.43 1.71 -6.92
N ARG A 29 -3.89 2.21 -8.07
CA ARG A 29 -4.82 3.32 -8.11
C ARG A 29 -6.00 3.07 -7.18
N ILE A 30 -6.56 1.87 -7.26
CA ILE A 30 -7.70 1.50 -6.43
C ILE A 30 -7.33 1.54 -4.94
N HIS A 31 -6.06 1.31 -4.65
CA HIS A 31 -5.57 1.32 -3.28
C HIS A 31 -5.28 2.74 -2.81
N GLN A 32 -4.88 3.60 -3.75
CA GLN A 32 -4.57 4.98 -3.43
C GLN A 32 -5.76 5.67 -2.76
N LYS A 33 -6.92 5.63 -3.42
CA LYS A 33 -8.12 6.24 -2.89
C LYS A 33 -8.46 5.68 -1.51
N CYS A 34 -8.47 4.35 -1.41
CA CYS A 34 -8.78 3.69 -0.14
C CYS A 34 -8.21 4.48 1.04
N HIS A 35 -7.00 4.99 0.87
CA HIS A 35 -6.33 5.76 1.91
C HIS A 35 -7.10 7.04 2.20
N THR A 36 -7.30 7.85 1.17
CA THR A 36 -8.02 9.11 1.31
C THR A 36 -9.47 8.88 1.72
N GLY A 37 -10.02 9.82 2.48
CA GLY A 37 -11.39 9.70 2.94
C GLY A 37 -11.50 9.08 4.31
N GLU A 38 -12.08 9.82 5.25
CA GLU A 38 -12.24 9.34 6.62
C GLU A 38 -13.57 8.60 6.78
N ARG A 39 -13.88 7.74 5.83
CA ARG A 39 -15.12 6.97 5.87
C ARG A 39 -15.09 5.85 4.82
N HIS A 40 -15.37 4.63 5.26
CA HIS A 40 -15.38 3.48 4.36
C HIS A 40 -16.73 2.76 4.43
N SER A 41 -17.07 2.28 5.62
CA SER A 41 -18.33 1.56 5.81
C SER A 41 -18.74 1.59 7.28
N GLY A 42 -19.78 2.37 7.59
CA GLY A 42 -20.26 2.46 8.96
C GLY A 42 -19.49 3.48 9.77
N PRO A 43 -19.67 3.46 11.10
CA PRO A 43 -19.01 4.38 12.01
C PRO A 43 -17.50 4.13 12.11
N SER A 44 -17.13 2.86 12.22
CA SER A 44 -15.73 2.49 12.33
C SER A 44 -15.43 1.25 11.47
N SER A 45 -14.15 0.91 11.37
CA SER A 45 -13.73 -0.23 10.58
C SER A 45 -14.31 -1.53 11.13
N GLY A 46 -14.69 -2.43 10.24
CA GLY A 46 -15.27 -3.70 10.66
C GLY A 46 -16.68 -3.89 10.18
N GLY A 1 -1.90 -12.43 5.63
CA GLY A 1 -1.06 -13.47 5.06
C GLY A 1 -0.20 -12.97 3.93
N SER A 2 -0.38 -13.54 2.74
CA SER A 2 0.39 -13.14 1.57
C SER A 2 1.88 -13.31 1.82
N SER A 3 2.26 -14.44 2.43
CA SER A 3 3.66 -14.72 2.73
C SER A 3 3.96 -16.21 2.55
N GLY A 4 4.74 -16.52 1.52
CA GLY A 4 5.10 -17.90 1.26
C GLY A 4 4.43 -18.44 0.01
N SER A 5 4.96 -18.06 -1.16
CA SER A 5 4.41 -18.52 -2.42
C SER A 5 5.51 -18.73 -3.46
N SER A 6 5.60 -19.96 -3.97
CA SER A 6 6.62 -20.29 -4.95
C SER A 6 6.82 -19.15 -5.94
N GLY A 7 8.07 -18.77 -6.16
CA GLY A 7 8.37 -17.68 -7.08
C GLY A 7 9.27 -16.63 -6.47
N THR A 8 9.51 -15.55 -7.21
CA THR A 8 10.36 -14.48 -6.73
C THR A 8 9.53 -13.31 -6.20
N GLY A 9 8.49 -12.95 -6.94
CA GLY A 9 7.63 -11.85 -6.52
C GLY A 9 8.11 -10.51 -7.04
N GLU A 10 7.86 -10.25 -8.31
CA GLU A 10 8.27 -8.99 -8.93
C GLU A 10 7.16 -7.95 -8.86
N LYS A 11 7.28 -7.01 -7.93
CA LYS A 11 6.28 -5.97 -7.76
C LYS A 11 6.90 -4.59 -7.95
N PRO A 12 6.94 -4.12 -9.20
CA PRO A 12 7.51 -2.81 -9.54
C PRO A 12 6.65 -1.66 -9.03
N TYR A 13 5.57 -2.00 -8.32
CA TYR A 13 4.66 -0.99 -7.79
C TYR A 13 4.39 -1.24 -6.31
N LYS A 14 4.79 -0.29 -5.47
CA LYS A 14 4.58 -0.41 -4.03
C LYS A 14 3.99 0.87 -3.46
N CYS A 15 2.91 0.74 -2.70
CA CYS A 15 2.24 1.88 -2.09
C CYS A 15 3.15 2.56 -1.07
N SER A 16 3.12 3.89 -1.03
CA SER A 16 3.93 4.65 -0.10
C SER A 16 3.16 4.97 1.17
N ASP A 17 1.83 5.00 1.05
CA ASP A 17 0.98 5.29 2.19
C ASP A 17 1.24 4.33 3.33
N CYS A 18 1.10 3.04 3.06
CA CYS A 18 1.33 2.00 4.06
C CYS A 18 2.58 1.18 3.74
N GLY A 19 2.67 0.75 2.49
CA GLY A 19 3.81 -0.04 2.07
C GLY A 19 3.42 -1.38 1.49
N LYS A 20 2.31 -1.40 0.75
CA LYS A 20 1.82 -2.63 0.14
C LYS A 20 2.44 -2.83 -1.23
N SER A 21 2.60 -4.10 -1.63
CA SER A 21 3.19 -4.43 -2.91
C SER A 21 2.10 -4.84 -3.91
N PHE A 22 2.19 -4.32 -5.13
CA PHE A 22 1.23 -4.64 -6.17
C PHE A 22 1.92 -5.01 -7.47
N THR A 23 1.19 -5.66 -8.37
CA THR A 23 1.74 -6.08 -9.66
C THR A 23 1.20 -5.22 -10.79
N TRP A 24 -0.08 -4.92 -10.74
CA TRP A 24 -0.72 -4.10 -11.77
C TRP A 24 -0.90 -2.66 -11.28
N LYS A 25 -0.85 -1.71 -12.21
CA LYS A 25 -1.01 -0.30 -11.87
C LYS A 25 -2.46 0.02 -11.56
N SER A 26 -3.36 -0.42 -12.43
CA SER A 26 -4.79 -0.17 -12.23
C SER A 26 -5.20 -0.46 -10.80
N ARG A 27 -4.73 -1.58 -10.25
CA ARG A 27 -5.05 -1.96 -8.89
C ARG A 27 -4.50 -0.94 -7.89
N LEU A 28 -3.22 -0.63 -8.03
CA LEU A 28 -2.57 0.32 -7.14
C LEU A 28 -3.41 1.58 -6.99
N ARG A 29 -3.84 2.14 -8.12
CA ARG A 29 -4.65 3.35 -8.10
C ARG A 29 -5.77 3.24 -7.07
N ILE A 30 -6.53 2.15 -7.14
CA ILE A 30 -7.63 1.92 -6.21
C ILE A 30 -7.14 1.96 -4.76
N HIS A 31 -6.10 1.18 -4.48
CA HIS A 31 -5.53 1.13 -3.13
C HIS A 31 -5.34 2.53 -2.56
N GLN A 32 -4.80 3.43 -3.39
CA GLN A 32 -4.56 4.81 -2.98
C GLN A 32 -5.84 5.46 -2.48
N LYS A 33 -6.90 5.37 -3.28
CA LYS A 33 -8.18 5.95 -2.92
C LYS A 33 -8.55 5.61 -1.48
N CYS A 34 -8.30 4.36 -1.09
CA CYS A 34 -8.60 3.91 0.26
C CYS A 34 -7.87 4.75 1.30
N HIS A 35 -6.68 5.22 0.94
CA HIS A 35 -5.87 6.04 1.83
C HIS A 35 -6.38 7.49 1.86
N THR A 36 -7.68 7.64 2.07
CA THR A 36 -8.30 8.96 2.10
C THR A 36 -9.17 9.13 3.34
N GLY A 37 -9.97 8.11 3.64
CA GLY A 37 -10.84 8.15 4.79
C GLY A 37 -10.16 7.68 6.06
N GLU A 38 -10.70 6.63 6.66
CA GLU A 38 -10.14 6.06 7.88
C GLU A 38 -8.69 5.62 7.66
N ARG A 39 -7.97 5.44 8.76
CA ARG A 39 -6.56 5.02 8.68
C ARG A 39 -6.03 4.69 10.08
N HIS A 40 -5.10 3.74 10.14
CA HIS A 40 -4.50 3.34 11.41
C HIS A 40 -3.32 4.23 11.75
N SER A 41 -2.37 4.34 10.83
CA SER A 41 -1.19 5.17 11.05
C SER A 41 -0.51 5.49 9.72
N GLY A 42 -0.50 6.78 9.37
CA GLY A 42 0.11 7.21 8.12
C GLY A 42 1.20 8.24 8.35
N PRO A 43 2.40 7.77 8.70
CA PRO A 43 3.56 8.65 8.95
C PRO A 43 4.08 9.28 7.67
N SER A 44 4.11 10.62 7.65
CA SER A 44 4.59 11.35 6.49
C SER A 44 5.82 12.18 6.83
N SER A 45 6.67 12.41 5.84
CA SER A 45 7.89 13.18 6.03
C SER A 45 7.56 14.62 6.41
N GLY A 46 7.92 15.01 7.63
CA GLY A 46 7.66 16.36 8.09
C GLY A 46 6.62 16.41 9.19
N GLY A 1 1.35 7.41 11.06
CA GLY A 1 2.26 6.29 11.18
C GLY A 1 1.67 5.00 10.62
N SER A 2 2.53 4.03 10.36
CA SER A 2 2.09 2.75 9.80
C SER A 2 2.82 1.59 10.48
N SER A 3 2.08 0.50 10.72
CA SER A 3 2.65 -0.68 11.36
C SER A 3 3.88 -1.17 10.60
N GLY A 4 4.85 -1.71 11.34
CA GLY A 4 6.06 -2.21 10.73
C GLY A 4 5.80 -2.89 9.40
N SER A 5 6.14 -2.20 8.31
CA SER A 5 5.94 -2.73 6.97
C SER A 5 7.11 -3.62 6.55
N SER A 6 6.79 -4.85 6.15
CA SER A 6 7.82 -5.80 5.72
C SER A 6 7.46 -6.41 4.37
N GLY A 7 8.42 -7.10 3.76
CA GLY A 7 8.20 -7.73 2.48
C GLY A 7 9.10 -7.17 1.39
N THR A 8 9.92 -8.03 0.80
CA THR A 8 10.84 -7.62 -0.26
C THR A 8 10.09 -7.28 -1.53
N GLY A 9 10.08 -5.99 -1.89
CA GLY A 9 9.38 -5.56 -3.09
C GLY A 9 9.77 -6.40 -4.30
N GLU A 10 8.76 -6.97 -4.96
CA GLU A 10 8.99 -7.79 -6.15
C GLU A 10 8.33 -7.18 -7.37
N LYS A 11 7.06 -6.80 -7.22
CA LYS A 11 6.30 -6.20 -8.32
C LYS A 11 6.82 -4.81 -8.64
N PRO A 12 6.65 -4.38 -9.89
CA PRO A 12 7.10 -3.06 -10.35
C PRO A 12 6.26 -1.94 -9.76
N TYR A 13 5.31 -2.30 -8.91
CA TYR A 13 4.43 -1.31 -8.29
C TYR A 13 4.32 -1.56 -6.78
N LYS A 14 4.38 -0.48 -6.00
CA LYS A 14 4.29 -0.58 -4.56
C LYS A 14 3.77 0.73 -3.96
N CYS A 15 2.94 0.60 -2.93
CA CYS A 15 2.37 1.77 -2.27
C CYS A 15 3.33 2.32 -1.22
N SER A 16 3.38 3.65 -1.11
CA SER A 16 4.26 4.31 -0.15
C SER A 16 3.50 4.65 1.14
N ASP A 17 2.18 4.75 1.03
CA ASP A 17 1.35 5.08 2.18
C ASP A 17 1.44 3.99 3.25
N CYS A 18 1.05 2.78 2.88
CA CYS A 18 1.10 1.65 3.81
C CYS A 18 2.39 0.87 3.65
N GLY A 19 2.77 0.58 2.41
CA GLY A 19 3.98 -0.17 2.15
C GLY A 19 3.71 -1.54 1.57
N LYS A 20 2.68 -1.63 0.73
CA LYS A 20 2.32 -2.90 0.11
C LYS A 20 2.76 -2.94 -1.36
N SER A 21 2.73 -4.12 -1.95
CA SER A 21 3.13 -4.28 -3.35
C SER A 21 1.92 -4.58 -4.23
N PHE A 22 2.01 -4.22 -5.50
CA PHE A 22 0.93 -4.43 -6.44
C PHE A 22 1.47 -4.93 -7.78
N THR A 23 0.81 -5.93 -8.35
CA THR A 23 1.21 -6.49 -9.62
C THR A 23 0.64 -5.70 -10.79
N TRP A 24 -0.46 -5.00 -10.54
CA TRP A 24 -1.11 -4.20 -11.56
C TRP A 24 -1.10 -2.72 -11.19
N LYS A 25 -1.06 -1.85 -12.19
CA LYS A 25 -1.05 -0.42 -11.97
C LYS A 25 -2.40 0.07 -11.43
N SER A 26 -3.43 -0.06 -12.25
CA SER A 26 -4.77 0.36 -11.86
C SER A 26 -5.09 -0.08 -10.43
N ARG A 27 -4.92 -1.37 -10.17
CA ARG A 27 -5.18 -1.91 -8.84
C ARG A 27 -4.52 -1.07 -7.76
N LEU A 28 -3.30 -0.62 -8.03
CA LEU A 28 -2.56 0.21 -7.07
C LEU A 28 -3.24 1.56 -6.89
N ARG A 29 -3.52 2.24 -8.01
CA ARG A 29 -4.17 3.54 -7.97
C ARG A 29 -5.41 3.50 -7.09
N ILE A 30 -6.35 2.63 -7.44
CA ILE A 30 -7.59 2.49 -6.68
C ILE A 30 -7.31 2.30 -5.19
N HIS A 31 -6.34 1.45 -4.88
CA HIS A 31 -5.97 1.18 -3.49
C HIS A 31 -5.66 2.48 -2.75
N GLN A 32 -4.77 3.29 -3.33
CA GLN A 32 -4.40 4.55 -2.72
C GLN A 32 -5.62 5.32 -2.25
N LYS A 33 -6.53 5.61 -3.17
CA LYS A 33 -7.75 6.33 -2.84
C LYS A 33 -8.34 5.84 -1.52
N CYS A 34 -8.20 4.55 -1.27
CA CYS A 34 -8.72 3.95 -0.05
C CYS A 34 -8.15 4.64 1.19
N HIS A 35 -6.82 4.78 1.22
CA HIS A 35 -6.15 5.42 2.34
C HIS A 35 -6.81 6.76 2.68
N THR A 36 -6.58 7.75 1.82
CA THR A 36 -7.14 9.08 2.03
C THR A 36 -8.66 9.05 1.92
N GLY A 37 -9.34 9.31 3.03
CA GLY A 37 -10.78 9.32 3.03
C GLY A 37 -11.36 8.87 4.37
N GLU A 38 -10.79 7.83 4.94
CA GLU A 38 -11.26 7.31 6.22
C GLU A 38 -10.13 6.60 6.97
N ARG A 39 -10.26 6.52 8.29
CA ARG A 39 -9.25 5.88 9.12
C ARG A 39 -9.35 4.36 9.02
N HIS A 40 -8.31 3.74 8.47
CA HIS A 40 -8.28 2.29 8.32
C HIS A 40 -6.96 1.71 8.83
N SER A 41 -6.86 0.39 8.84
CA SER A 41 -5.65 -0.29 9.30
C SER A 41 -5.24 -1.39 8.34
N GLY A 42 -3.96 -1.72 8.35
CA GLY A 42 -3.46 -2.76 7.47
C GLY A 42 -2.91 -3.96 8.23
N PRO A 43 -3.82 -4.71 8.87
CA PRO A 43 -3.46 -5.89 9.66
C PRO A 43 -2.98 -7.05 8.78
N SER A 44 -1.67 -7.10 8.53
CA SER A 44 -1.08 -8.15 7.71
C SER A 44 -0.51 -9.26 8.57
N SER A 45 -1.25 -9.64 9.61
CA SER A 45 -0.82 -10.70 10.51
C SER A 45 -1.94 -11.67 10.78
N GLY A 46 -1.61 -12.82 11.37
CA GLY A 46 -2.61 -13.83 11.68
C GLY A 46 -2.05 -15.23 11.60
N GLY A 1 5.65 -12.89 16.21
CA GLY A 1 4.73 -13.96 15.91
C GLY A 1 4.17 -13.88 14.50
N SER A 2 3.18 -14.71 14.22
CA SER A 2 2.56 -14.74 12.90
C SER A 2 1.38 -13.77 12.85
N SER A 3 1.55 -12.60 13.44
CA SER A 3 0.50 -11.60 13.47
C SER A 3 -0.31 -11.62 12.17
N GLY A 4 0.37 -11.38 11.05
CA GLY A 4 -0.29 -11.38 9.76
C GLY A 4 0.24 -12.46 8.83
N SER A 5 0.12 -12.22 7.53
CA SER A 5 0.59 -13.18 6.53
C SER A 5 1.84 -12.65 5.81
N SER A 6 2.62 -13.56 5.26
CA SER A 6 3.84 -13.19 4.55
C SER A 6 3.83 -13.76 3.14
N GLY A 7 4.29 -12.95 2.18
CA GLY A 7 4.33 -13.38 0.80
C GLY A 7 4.82 -12.30 -0.14
N THR A 8 5.95 -11.69 0.20
CA THR A 8 6.52 -10.62 -0.61
C THR A 8 6.94 -11.15 -1.98
N GLY A 9 7.00 -10.25 -2.96
CA GLY A 9 7.40 -10.64 -4.30
C GLY A 9 7.73 -9.45 -5.18
N GLU A 10 8.85 -9.54 -5.89
CA GLU A 10 9.27 -8.46 -6.77
C GLU A 10 8.09 -7.89 -7.55
N LYS A 11 7.90 -6.57 -7.46
CA LYS A 11 6.80 -5.92 -8.15
C LYS A 11 7.21 -4.50 -8.58
N PRO A 12 6.76 -4.09 -9.78
CA PRO A 12 7.07 -2.77 -10.32
C PRO A 12 6.34 -1.65 -9.57
N TYR A 13 5.32 -2.03 -8.81
CA TYR A 13 4.54 -1.07 -8.05
C TYR A 13 4.54 -1.42 -6.56
N LYS A 14 4.32 -0.42 -5.72
CA LYS A 14 4.29 -0.63 -4.27
C LYS A 14 3.82 0.63 -3.55
N CYS A 15 2.69 0.51 -2.86
CA CYS A 15 2.13 1.64 -2.13
C CYS A 15 3.11 2.16 -1.07
N SER A 16 3.50 3.42 -1.21
CA SER A 16 4.44 4.03 -0.28
C SER A 16 3.72 4.53 0.97
N ASP A 17 2.43 4.79 0.83
CA ASP A 17 1.61 5.28 1.95
C ASP A 17 1.65 4.29 3.11
N CYS A 18 1.38 3.02 2.81
CA CYS A 18 1.38 1.98 3.83
C CYS A 18 2.57 1.04 3.64
N GLY A 19 2.77 0.58 2.41
CA GLY A 19 3.86 -0.32 2.13
C GLY A 19 3.40 -1.64 1.56
N LYS A 20 2.41 -1.59 0.67
CA LYS A 20 1.87 -2.79 0.05
C LYS A 20 2.47 -3.00 -1.34
N SER A 21 2.35 -4.22 -1.85
CA SER A 21 2.88 -4.56 -3.17
C SER A 21 1.76 -4.79 -4.16
N PHE A 22 1.94 -4.32 -5.38
CA PHE A 22 0.95 -4.48 -6.43
C PHE A 22 1.60 -4.77 -7.78
N THR A 23 1.13 -5.81 -8.46
CA THR A 23 1.67 -6.19 -9.74
C THR A 23 1.09 -5.33 -10.86
N TRP A 24 -0.15 -4.88 -10.67
CA TRP A 24 -0.82 -4.05 -11.66
C TRP A 24 -1.04 -2.63 -11.12
N LYS A 25 -0.63 -1.64 -11.90
CA LYS A 25 -0.79 -0.24 -11.49
C LYS A 25 -2.26 0.11 -11.32
N SER A 26 -3.04 -0.09 -12.38
CA SER A 26 -4.47 0.22 -12.35
C SER A 26 -5.07 -0.14 -11.00
N ARG A 27 -4.60 -1.25 -10.42
CA ARG A 27 -5.09 -1.70 -9.12
C ARG A 27 -4.60 -0.78 -8.01
N LEU A 28 -3.32 -0.42 -8.06
CA LEU A 28 -2.73 0.46 -7.05
C LEU A 28 -3.62 1.66 -6.79
N ARG A 29 -4.06 2.30 -7.87
CA ARG A 29 -4.92 3.47 -7.75
C ARG A 29 -6.06 3.22 -6.76
N ILE A 30 -6.94 2.29 -7.10
CA ILE A 30 -8.07 1.95 -6.24
C ILE A 30 -7.63 1.81 -4.80
N HIS A 31 -6.48 1.18 -4.59
CA HIS A 31 -5.96 0.97 -3.24
C HIS A 31 -5.60 2.31 -2.60
N GLN A 32 -5.15 3.26 -3.40
CA GLN A 32 -4.78 4.58 -2.91
C GLN A 32 -6.02 5.38 -2.52
N LYS A 33 -7.11 5.17 -3.24
CA LYS A 33 -8.36 5.87 -2.96
C LYS A 33 -8.79 5.65 -1.52
N CYS A 34 -8.36 4.55 -0.92
CA CYS A 34 -8.70 4.23 0.45
C CYS A 34 -7.59 4.66 1.41
N HIS A 35 -6.90 5.74 1.05
CA HIS A 35 -5.82 6.27 1.87
C HIS A 35 -5.99 7.76 2.11
N THR A 36 -7.20 8.16 2.49
CA THR A 36 -7.50 9.56 2.75
C THR A 36 -8.34 9.72 4.01
N GLY A 37 -8.10 10.82 4.73
CA GLY A 37 -8.84 11.07 5.96
C GLY A 37 -8.05 10.72 7.19
N GLU A 38 -8.60 11.02 8.37
CA GLU A 38 -7.94 10.74 9.63
C GLU A 38 -8.82 9.87 10.52
N ARG A 39 -8.19 8.94 11.25
CA ARG A 39 -8.92 8.05 12.14
C ARG A 39 -9.54 8.83 13.29
N HIS A 40 -8.77 9.74 13.88
CA HIS A 40 -9.26 10.55 14.99
C HIS A 40 -10.56 11.26 14.62
N SER A 41 -10.51 12.07 13.57
CA SER A 41 -11.68 12.81 13.11
C SER A 41 -12.44 12.03 12.05
N GLY A 42 -13.38 11.20 12.50
CA GLY A 42 -14.17 10.41 11.57
C GLY A 42 -15.62 10.27 12.00
N PRO A 43 -16.30 9.23 11.50
CA PRO A 43 -17.70 8.96 11.83
C PRO A 43 -17.89 8.51 13.27
N SER A 44 -17.07 7.56 13.70
CA SER A 44 -17.14 7.03 15.06
C SER A 44 -15.75 6.87 15.66
N SER A 45 -15.47 7.60 16.73
CA SER A 45 -14.18 7.54 17.39
C SER A 45 -14.34 7.37 18.89
N GLY A 46 -15.13 8.26 19.50
CA GLY A 46 -15.36 8.19 20.93
C GLY A 46 -15.68 9.55 21.53
N GLY A 1 25.33 -4.96 13.13
CA GLY A 1 24.25 -5.74 13.70
C GLY A 1 23.14 -6.01 12.69
N SER A 2 23.01 -7.25 12.27
CA SER A 2 21.98 -7.63 11.31
C SER A 2 21.48 -9.05 11.58
N SER A 3 20.18 -9.17 11.83
CA SER A 3 19.57 -10.47 12.11
C SER A 3 18.15 -10.53 11.57
N GLY A 4 17.93 -11.39 10.58
CA GLY A 4 16.60 -11.52 9.99
C GLY A 4 16.57 -11.09 8.54
N SER A 5 16.29 -12.04 7.65
CA SER A 5 16.23 -11.73 6.22
C SER A 5 14.83 -12.00 5.67
N SER A 6 13.94 -11.04 5.85
CA SER A 6 12.56 -11.17 5.38
C SER A 6 12.12 -9.90 4.66
N GLY A 7 12.05 -9.96 3.34
CA GLY A 7 11.63 -8.81 2.56
C GLY A 7 11.42 -9.15 1.10
N THR A 8 10.59 -10.15 0.84
CA THR A 8 10.30 -10.56 -0.53
C THR A 8 9.11 -9.81 -1.10
N GLY A 9 9.36 -9.00 -2.13
CA GLY A 9 8.31 -8.23 -2.75
C GLY A 9 8.66 -7.77 -4.15
N GLU A 10 8.85 -8.71 -5.06
CA GLU A 10 9.20 -8.40 -6.43
C GLU A 10 7.97 -7.94 -7.22
N LYS A 11 7.66 -6.65 -7.14
CA LYS A 11 6.53 -6.09 -7.84
C LYS A 11 6.86 -4.72 -8.43
N PRO A 12 6.44 -4.50 -9.69
CA PRO A 12 6.68 -3.24 -10.39
C PRO A 12 5.88 -2.08 -9.81
N TYR A 13 5.11 -2.37 -8.76
CA TYR A 13 4.29 -1.36 -8.12
C TYR A 13 4.34 -1.50 -6.59
N LYS A 14 4.39 -0.36 -5.91
CA LYS A 14 4.46 -0.35 -4.45
C LYS A 14 3.90 0.95 -3.89
N CYS A 15 3.02 0.85 -2.91
CA CYS A 15 2.42 2.02 -2.29
C CYS A 15 3.42 2.72 -1.37
N SER A 16 3.51 4.04 -1.50
CA SER A 16 4.43 4.83 -0.69
C SER A 16 3.69 5.52 0.45
N ASP A 17 2.73 4.83 1.04
CA ASP A 17 1.94 5.36 2.13
C ASP A 17 1.81 4.35 3.27
N CYS A 18 1.53 3.11 2.91
CA CYS A 18 1.37 2.04 3.89
C CYS A 18 2.46 0.98 3.71
N GLY A 19 2.69 0.58 2.46
CA GLY A 19 3.69 -0.42 2.18
C GLY A 19 3.11 -1.68 1.57
N LYS A 20 2.36 -1.51 0.48
CA LYS A 20 1.73 -2.63 -0.20
C LYS A 20 2.29 -2.79 -1.62
N SER A 21 2.51 -4.04 -2.03
CA SER A 21 3.04 -4.33 -3.35
C SER A 21 1.97 -4.93 -4.25
N PHE A 22 1.73 -4.30 -5.39
CA PHE A 22 0.73 -4.77 -6.34
C PHE A 22 1.38 -5.19 -7.65
N THR A 23 0.63 -5.91 -8.47
CA THR A 23 1.14 -6.39 -9.76
C THR A 23 0.72 -5.43 -10.88
N TRP A 24 -0.51 -4.94 -10.82
CA TRP A 24 -1.01 -4.02 -11.82
C TRP A 24 -0.96 -2.58 -11.33
N LYS A 25 -0.81 -1.64 -12.27
CA LYS A 25 -0.74 -0.22 -11.93
C LYS A 25 -2.10 0.29 -11.49
N SER A 26 -3.14 -0.05 -12.25
CA SER A 26 -4.50 0.39 -11.95
C SER A 26 -4.87 0.04 -10.52
N ARG A 27 -4.64 -1.23 -10.15
CA ARG A 27 -4.95 -1.69 -8.80
C ARG A 27 -4.39 -0.74 -7.74
N LEU A 28 -3.12 -0.40 -7.88
CA LEU A 28 -2.46 0.51 -6.95
C LEU A 28 -3.27 1.78 -6.77
N ARG A 29 -3.64 2.41 -7.88
CA ARG A 29 -4.42 3.64 -7.84
C ARG A 29 -5.68 3.46 -7.01
N ILE A 30 -6.47 2.45 -7.35
CA ILE A 30 -7.70 2.16 -6.63
C ILE A 30 -7.44 1.96 -5.13
N HIS A 31 -6.27 1.42 -4.82
CA HIS A 31 -5.89 1.17 -3.43
C HIS A 31 -5.51 2.46 -2.73
N GLN A 32 -4.81 3.33 -3.45
CA GLN A 32 -4.39 4.62 -2.90
C GLN A 32 -5.53 5.31 -2.18
N LYS A 33 -6.58 5.63 -2.93
CA LYS A 33 -7.75 6.31 -2.37
C LYS A 33 -8.29 5.52 -1.18
N CYS A 34 -8.25 4.20 -1.27
CA CYS A 34 -8.74 3.34 -0.20
C CYS A 34 -8.25 3.82 1.15
N HIS A 35 -7.17 4.60 1.15
CA HIS A 35 -6.59 5.13 2.38
C HIS A 35 -7.42 6.30 2.91
N THR A 36 -8.73 6.09 3.00
CA THR A 36 -9.63 7.14 3.49
C THR A 36 -10.62 6.57 4.50
N GLY A 37 -10.96 7.39 5.50
CA GLY A 37 -11.90 6.95 6.52
C GLY A 37 -11.22 6.21 7.66
N GLU A 38 -11.89 5.19 8.19
CA GLU A 38 -11.35 4.41 9.29
C GLU A 38 -10.06 3.70 8.87
N ARG A 39 -9.03 3.85 9.68
CA ARG A 39 -7.73 3.23 9.40
C ARG A 39 -7.43 2.10 10.39
N HIS A 40 -7.22 0.90 9.86
CA HIS A 40 -6.93 -0.26 10.69
C HIS A 40 -5.45 -0.61 10.63
N SER A 41 -4.59 0.41 10.71
CA SER A 41 -3.14 0.20 10.65
C SER A 41 -2.42 1.21 11.53
N GLY A 42 -1.17 0.92 11.85
CA GLY A 42 -0.37 1.81 12.68
C GLY A 42 1.12 1.55 12.57
N PRO A 43 1.74 2.08 11.51
CA PRO A 43 3.17 1.91 11.26
C PRO A 43 4.03 2.66 12.28
N SER A 44 3.36 3.31 13.24
CA SER A 44 4.07 4.07 14.27
C SER A 44 4.34 3.21 15.49
N SER A 45 5.19 3.72 16.38
CA SER A 45 5.54 3.00 17.60
C SER A 45 6.40 1.79 17.28
N GLY A 46 7.37 1.97 16.39
CA GLY A 46 8.24 0.88 16.00
C GLY A 46 9.46 0.79 16.90
N GLY A 1 5.86 -9.14 15.86
CA GLY A 1 4.69 -9.51 15.09
C GLY A 1 5.02 -10.40 13.91
N SER A 2 4.08 -11.25 13.53
CA SER A 2 4.28 -12.16 12.41
C SER A 2 3.94 -11.49 11.08
N SER A 3 4.70 -11.82 10.05
CA SER A 3 4.50 -11.24 8.73
C SER A 3 3.26 -11.84 8.06
N GLY A 4 2.84 -11.23 6.95
CA GLY A 4 1.68 -11.73 6.24
C GLY A 4 2.04 -12.55 5.02
N SER A 5 2.80 -13.61 5.24
CA SER A 5 3.23 -14.48 4.15
C SER A 5 3.86 -13.66 3.02
N SER A 6 4.67 -12.68 3.39
CA SER A 6 5.32 -11.82 2.41
C SER A 6 6.82 -12.13 2.33
N GLY A 7 7.25 -12.66 1.19
CA GLY A 7 8.65 -13.00 1.01
C GLY A 7 9.18 -12.56 -0.34
N THR A 8 9.74 -13.50 -1.09
CA THR A 8 10.29 -13.22 -2.41
C THR A 8 9.21 -12.70 -3.35
N GLY A 9 9.34 -11.44 -3.76
CA GLY A 9 8.37 -10.85 -4.66
C GLY A 9 8.79 -9.47 -5.14
N GLU A 10 9.16 -9.38 -6.42
CA GLU A 10 9.58 -8.11 -7.00
C GLU A 10 8.51 -7.56 -7.94
N LYS A 11 7.68 -6.66 -7.43
CA LYS A 11 6.62 -6.06 -8.23
C LYS A 11 6.97 -4.63 -8.61
N PRO A 12 6.61 -4.24 -9.84
CA PRO A 12 6.88 -2.91 -10.36
C PRO A 12 6.04 -1.83 -9.67
N TYR A 13 5.24 -2.25 -8.70
CA TYR A 13 4.39 -1.33 -7.96
C TYR A 13 4.51 -1.56 -6.46
N LYS A 14 4.26 -0.51 -5.69
CA LYS A 14 4.34 -0.59 -4.23
C LYS A 14 3.89 0.71 -3.58
N CYS A 15 2.80 0.64 -2.81
CA CYS A 15 2.27 1.81 -2.14
C CYS A 15 3.29 2.38 -1.14
N SER A 16 3.40 3.70 -1.12
CA SER A 16 4.34 4.37 -0.22
C SER A 16 3.65 4.77 1.09
N ASP A 17 2.33 4.89 1.04
CA ASP A 17 1.55 5.27 2.21
C ASP A 17 1.73 4.24 3.33
N CYS A 18 1.45 2.97 3.02
CA CYS A 18 1.57 1.91 4.00
C CYS A 18 2.76 1.00 3.66
N GLY A 19 2.82 0.57 2.40
CA GLY A 19 3.89 -0.30 1.97
C GLY A 19 3.39 -1.59 1.36
N LYS A 20 2.27 -1.51 0.64
CA LYS A 20 1.69 -2.69 0.00
C LYS A 20 2.25 -2.88 -1.40
N SER A 21 2.42 -4.14 -1.79
CA SER A 21 2.96 -4.47 -3.10
C SER A 21 1.83 -4.84 -4.08
N PHE A 22 1.89 -4.28 -5.27
CA PHE A 22 0.88 -4.55 -6.30
C PHE A 22 1.54 -4.98 -7.61
N THR A 23 0.79 -5.73 -8.42
CA THR A 23 1.29 -6.20 -9.70
C THR A 23 0.78 -5.33 -10.84
N TRP A 24 -0.46 -4.90 -10.73
CA TRP A 24 -1.07 -4.05 -11.77
C TRP A 24 -1.17 -2.61 -11.29
N LYS A 25 -0.83 -1.67 -12.17
CA LYS A 25 -0.89 -0.25 -11.84
C LYS A 25 -2.29 0.14 -11.39
N SER A 26 -3.30 -0.25 -12.16
CA SER A 26 -4.68 0.06 -11.83
C SER A 26 -4.99 -0.26 -10.38
N ARG A 27 -4.68 -1.49 -9.98
CA ARG A 27 -4.92 -1.92 -8.60
C ARG A 27 -4.39 -0.89 -7.61
N LEU A 28 -3.15 -0.48 -7.80
CA LEU A 28 -2.52 0.50 -6.92
C LEU A 28 -3.43 1.72 -6.73
N ARG A 29 -3.91 2.26 -7.85
CA ARG A 29 -4.79 3.43 -7.80
C ARG A 29 -5.91 3.23 -6.79
N ILE A 30 -6.78 2.25 -7.04
CA ILE A 30 -7.88 1.97 -6.16
C ILE A 30 -7.44 1.93 -4.71
N HIS A 31 -6.21 1.44 -4.47
CA HIS A 31 -5.66 1.36 -3.13
C HIS A 31 -5.32 2.75 -2.60
N GLN A 32 -4.59 3.52 -3.40
CA GLN A 32 -4.19 4.87 -3.02
C GLN A 32 -5.40 5.68 -2.54
N LYS A 33 -6.41 5.77 -3.40
CA LYS A 33 -7.63 6.52 -3.08
C LYS A 33 -8.34 5.91 -1.87
N CYS A 34 -8.24 4.58 -1.74
CA CYS A 34 -8.88 3.88 -0.63
C CYS A 34 -8.45 4.47 0.70
N HIS A 35 -7.17 4.81 0.83
CA HIS A 35 -6.64 5.38 2.05
C HIS A 35 -7.48 6.59 2.49
N THR A 36 -8.52 6.32 3.28
CA THR A 36 -9.40 7.37 3.77
C THR A 36 -9.61 7.26 5.27
N GLY A 37 -8.70 7.85 6.05
CA GLY A 37 -8.81 7.80 7.49
C GLY A 37 -8.74 6.39 8.02
N GLU A 38 -7.57 5.77 7.91
CA GLU A 38 -7.38 4.40 8.39
C GLU A 38 -5.93 4.18 8.82
N ARG A 39 -5.73 3.21 9.72
CA ARG A 39 -4.39 2.90 10.21
C ARG A 39 -3.97 1.50 9.77
N HIS A 40 -3.46 1.40 8.54
CA HIS A 40 -3.02 0.12 7.99
C HIS A 40 -1.59 0.22 7.46
N SER A 41 -0.62 -0.02 8.34
CA SER A 41 0.78 0.05 7.96
C SER A 41 1.39 -1.34 7.84
N GLY A 42 1.63 -1.77 6.60
CA GLY A 42 2.20 -3.09 6.37
C GLY A 42 1.19 -4.20 6.54
N PRO A 43 1.61 -5.44 6.26
CA PRO A 43 0.75 -6.62 6.38
C PRO A 43 0.42 -6.94 7.83
N SER A 44 0.93 -6.14 8.75
CA SER A 44 0.68 -6.35 10.18
C SER A 44 -0.71 -6.91 10.42
N SER A 45 -1.70 -6.34 9.74
CA SER A 45 -3.08 -6.79 9.88
C SER A 45 -3.71 -7.04 8.51
N GLY A 46 -3.31 -8.15 7.89
CA GLY A 46 -3.85 -8.49 6.58
C GLY A 46 -3.58 -7.41 5.54
N GLY A 1 12.59 1.64 16.94
CA GLY A 1 13.67 1.33 16.03
C GLY A 1 13.37 0.16 15.14
N SER A 2 13.92 -1.00 15.48
CA SER A 2 13.71 -2.21 14.69
C SER A 2 13.84 -1.93 13.20
N SER A 3 14.83 -1.12 12.85
CA SER A 3 15.07 -0.76 11.45
C SER A 3 15.02 -1.99 10.56
N GLY A 4 14.59 -1.79 9.31
CA GLY A 4 14.52 -2.90 8.37
C GLY A 4 13.93 -2.48 7.04
N SER A 5 13.38 -3.45 6.31
CA SER A 5 12.80 -3.18 5.00
C SER A 5 11.55 -4.03 4.77
N SER A 6 10.67 -3.55 3.89
CA SER A 6 9.43 -4.27 3.60
C SER A 6 9.70 -5.45 2.66
N GLY A 7 10.45 -5.19 1.59
CA GLY A 7 10.76 -6.24 0.64
C GLY A 7 9.61 -7.22 0.45
N THR A 8 9.93 -8.51 0.52
CA THR A 8 8.92 -9.55 0.36
C THR A 8 7.98 -9.23 -0.80
N GLY A 9 8.56 -8.72 -1.89
CA GLY A 9 7.76 -8.37 -3.06
C GLY A 9 8.58 -7.69 -4.14
N GLU A 10 8.50 -8.22 -5.36
CA GLU A 10 9.24 -7.66 -6.48
C GLU A 10 8.29 -7.16 -7.56
N LYS A 11 7.22 -6.51 -7.14
CA LYS A 11 6.23 -5.97 -8.06
C LYS A 11 6.71 -4.66 -8.67
N PRO A 12 6.25 -4.36 -9.89
CA PRO A 12 6.61 -3.13 -10.60
C PRO A 12 5.99 -1.88 -9.97
N TYR A 13 5.13 -2.11 -8.98
CA TYR A 13 4.47 -1.00 -8.29
C TYR A 13 4.34 -1.30 -6.80
N LYS A 14 4.27 -0.24 -5.99
CA LYS A 14 4.14 -0.38 -4.55
C LYS A 14 3.48 0.86 -3.94
N CYS A 15 2.71 0.65 -2.88
CA CYS A 15 2.02 1.74 -2.21
C CYS A 15 2.96 2.46 -1.25
N SER A 16 3.23 3.73 -1.53
CA SER A 16 4.11 4.53 -0.69
C SER A 16 3.34 5.18 0.45
N ASP A 17 2.27 4.52 0.88
CA ASP A 17 1.44 5.03 1.98
C ASP A 17 1.48 4.09 3.17
N CYS A 18 1.25 2.81 2.92
CA CYS A 18 1.26 1.81 3.97
C CYS A 18 2.41 0.82 3.79
N GLY A 19 2.60 0.38 2.55
CA GLY A 19 3.67 -0.56 2.26
C GLY A 19 3.16 -1.86 1.68
N LYS A 20 2.47 -1.77 0.55
CA LYS A 20 1.92 -2.95 -0.10
C LYS A 20 2.42 -3.05 -1.54
N SER A 21 2.67 -4.28 -1.99
CA SER A 21 3.16 -4.52 -3.34
C SER A 21 2.01 -4.86 -4.28
N PHE A 22 1.92 -4.12 -5.39
CA PHE A 22 0.86 -4.35 -6.37
C PHE A 22 1.45 -4.73 -7.73
N THR A 23 0.91 -5.77 -8.33
CA THR A 23 1.38 -6.24 -9.62
C THR A 23 0.86 -5.35 -10.76
N TRP A 24 -0.41 -4.97 -10.67
CA TRP A 24 -1.03 -4.12 -11.67
C TRP A 24 -1.23 -2.70 -11.14
N LYS A 25 -0.53 -1.75 -11.73
CA LYS A 25 -0.64 -0.35 -11.32
C LYS A 25 -2.11 0.06 -11.15
N SER A 26 -2.93 -0.34 -12.11
CA SER A 26 -4.36 -0.01 -12.07
C SER A 26 -4.97 -0.41 -10.73
N ARG A 27 -4.44 -1.48 -10.14
CA ARG A 27 -4.93 -1.97 -8.85
C ARG A 27 -4.40 -1.11 -7.71
N LEU A 28 -3.21 -0.55 -7.89
CA LEU A 28 -2.60 0.30 -6.88
C LEU A 28 -3.34 1.63 -6.75
N ARG A 29 -3.45 2.35 -7.86
CA ARG A 29 -4.13 3.64 -7.87
C ARG A 29 -5.45 3.55 -7.11
N ILE A 30 -6.17 2.45 -7.30
CA ILE A 30 -7.45 2.25 -6.64
C ILE A 30 -7.27 2.11 -5.13
N HIS A 31 -6.28 1.32 -4.72
CA HIS A 31 -6.00 1.10 -3.31
C HIS A 31 -5.56 2.40 -2.64
N GLN A 32 -4.69 3.13 -3.31
CA GLN A 32 -4.18 4.41 -2.77
C GLN A 32 -5.33 5.30 -2.33
N LYS A 33 -6.44 5.23 -3.05
CA LYS A 33 -7.61 6.04 -2.73
C LYS A 33 -8.14 5.70 -1.33
N CYS A 34 -8.31 4.42 -1.07
CA CYS A 34 -8.80 3.97 0.23
C CYS A 34 -8.18 4.78 1.36
N HIS A 35 -6.91 5.12 1.21
CA HIS A 35 -6.20 5.89 2.21
C HIS A 35 -6.79 7.29 2.35
N THR A 36 -7.88 7.40 3.11
CA THR A 36 -8.55 8.68 3.32
C THR A 36 -9.64 8.56 4.37
N GLY A 37 -10.08 9.70 4.89
CA GLY A 37 -11.12 9.71 5.89
C GLY A 37 -10.57 9.73 7.31
N GLU A 38 -10.44 8.54 7.90
CA GLU A 38 -9.93 8.43 9.26
C GLU A 38 -8.58 9.14 9.39
N ARG A 39 -7.62 8.72 8.58
CA ARG A 39 -6.29 9.32 8.60
C ARG A 39 -6.36 10.81 8.92
N HIS A 40 -5.82 11.19 10.07
CA HIS A 40 -5.82 12.59 10.49
C HIS A 40 -4.53 13.28 10.08
N SER A 41 -4.58 14.05 9.02
CA SER A 41 -3.41 14.76 8.52
C SER A 41 -3.82 16.01 7.73
N GLY A 42 -3.48 17.17 8.26
CA GLY A 42 -3.81 18.42 7.60
C GLY A 42 -2.72 18.89 6.66
N PRO A 43 -3.11 19.53 5.55
CA PRO A 43 -2.17 20.05 4.56
C PRO A 43 -1.37 21.25 5.08
N SER A 44 -0.06 21.08 5.19
CA SER A 44 0.81 22.14 5.68
C SER A 44 1.02 23.21 4.61
N SER A 45 1.43 22.78 3.43
CA SER A 45 1.67 23.70 2.32
C SER A 45 0.94 23.24 1.06
N GLY A 46 -0.37 23.42 1.04
CA GLY A 46 -1.15 23.00 -0.11
C GLY A 46 -0.71 23.70 -1.39
N GLY A 1 2.50 -16.68 15.50
CA GLY A 1 1.10 -16.52 15.14
C GLY A 1 0.91 -16.39 13.64
N SER A 2 0.57 -15.18 13.19
CA SER A 2 0.35 -14.93 11.78
C SER A 2 1.36 -15.70 10.92
N SER A 3 0.92 -16.10 9.74
CA SER A 3 1.78 -16.84 8.82
C SER A 3 3.21 -16.32 8.86
N GLY A 4 3.35 -15.00 8.79
CA GLY A 4 4.68 -14.40 8.83
C GLY A 4 5.37 -14.44 7.48
N SER A 5 4.63 -14.13 6.43
CA SER A 5 5.18 -14.14 5.08
C SER A 5 6.48 -13.34 5.02
N SER A 6 7.24 -13.54 3.95
CA SER A 6 8.51 -12.84 3.77
C SER A 6 8.59 -12.20 2.38
N GLY A 7 7.48 -11.60 1.96
CA GLY A 7 7.44 -10.96 0.66
C GLY A 7 7.75 -11.93 -0.47
N THR A 8 6.84 -12.88 -0.70
CA THR A 8 7.03 -13.87 -1.76
C THR A 8 6.57 -13.32 -3.10
N GLY A 9 6.94 -12.07 -3.39
CA GLY A 9 6.57 -11.45 -4.65
C GLY A 9 7.10 -10.04 -4.79
N GLU A 10 7.71 -9.76 -5.94
CA GLU A 10 8.28 -8.44 -6.20
C GLU A 10 7.61 -7.78 -7.40
N LYS A 11 7.03 -6.61 -7.18
CA LYS A 11 6.35 -5.88 -8.25
C LYS A 11 7.02 -4.52 -8.47
N PRO A 12 6.86 -3.99 -9.70
CA PRO A 12 7.45 -2.70 -10.07
C PRO A 12 6.74 -1.54 -9.38
N TYR A 13 5.64 -1.83 -8.70
CA TYR A 13 4.88 -0.81 -7.99
C TYR A 13 4.74 -1.16 -6.51
N LYS A 14 4.89 -0.17 -5.65
CA LYS A 14 4.76 -0.36 -4.21
C LYS A 14 4.16 0.86 -3.54
N CYS A 15 3.17 0.63 -2.67
CA CYS A 15 2.51 1.71 -1.96
C CYS A 15 3.44 2.32 -0.91
N SER A 16 3.91 3.54 -1.18
CA SER A 16 4.80 4.23 -0.25
C SER A 16 4.03 4.85 0.90
N ASP A 17 2.74 4.53 0.98
CA ASP A 17 1.88 5.05 2.04
C ASP A 17 1.89 4.14 3.26
N CYS A 18 1.65 2.85 3.01
CA CYS A 18 1.61 1.87 4.09
C CYS A 18 2.75 0.85 3.92
N GLY A 19 2.95 0.39 2.70
CA GLY A 19 3.99 -0.58 2.44
C GLY A 19 3.50 -1.78 1.66
N LYS A 20 2.37 -1.61 0.96
CA LYS A 20 1.79 -2.69 0.18
C LYS A 20 2.45 -2.79 -1.19
N SER A 21 2.25 -3.92 -1.85
CA SER A 21 2.83 -4.14 -3.18
C SER A 21 1.74 -4.42 -4.21
N PHE A 22 2.01 -4.04 -5.46
CA PHE A 22 1.05 -4.24 -6.54
C PHE A 22 1.77 -4.40 -7.88
N THR A 23 1.28 -5.31 -8.70
CA THR A 23 1.87 -5.56 -10.01
C THR A 23 1.17 -4.75 -11.10
N TRP A 24 -0.15 -4.64 -10.97
CA TRP A 24 -0.94 -3.89 -11.94
C TRP A 24 -0.96 -2.40 -11.60
N LYS A 25 -1.41 -1.59 -12.55
CA LYS A 25 -1.48 -0.15 -12.35
C LYS A 25 -2.84 0.27 -11.80
N SER A 26 -3.90 -0.31 -12.37
CA SER A 26 -5.26 -0.01 -11.95
C SER A 26 -5.51 -0.51 -10.52
N ARG A 27 -5.07 -1.74 -10.26
CA ARG A 27 -5.25 -2.34 -8.93
C ARG A 27 -4.63 -1.46 -7.85
N LEU A 28 -3.41 -0.97 -8.12
CA LEU A 28 -2.72 -0.12 -7.16
C LEU A 28 -3.54 1.12 -6.82
N ARG A 29 -3.91 1.87 -7.85
CA ARG A 29 -4.71 3.08 -7.66
C ARG A 29 -5.78 2.87 -6.59
N ILE A 30 -6.70 1.94 -6.85
CA ILE A 30 -7.77 1.65 -5.92
C ILE A 30 -7.26 1.64 -4.48
N HIS A 31 -6.00 1.23 -4.31
CA HIS A 31 -5.40 1.17 -2.98
C HIS A 31 -5.29 2.57 -2.38
N GLN A 32 -4.77 3.51 -3.17
CA GLN A 32 -4.61 4.89 -2.71
C GLN A 32 -5.96 5.58 -2.57
N LYS A 33 -6.81 5.41 -3.58
CA LYS A 33 -8.14 6.02 -3.56
C LYS A 33 -8.80 5.85 -2.19
N CYS A 34 -8.62 4.67 -1.60
CA CYS A 34 -9.20 4.39 -0.29
C CYS A 34 -8.41 5.07 0.82
N HIS A 35 -7.08 5.00 0.73
CA HIS A 35 -6.21 5.61 1.72
C HIS A 35 -6.67 7.02 2.04
N THR A 36 -7.07 7.77 1.02
CA THR A 36 -7.53 9.14 1.19
C THR A 36 -9.03 9.19 1.44
N GLY A 37 -9.42 9.85 2.53
CA GLY A 37 -10.82 9.95 2.87
C GLY A 37 -11.05 10.42 4.30
N GLU A 38 -10.29 11.43 4.71
CA GLU A 38 -10.41 11.97 6.06
C GLU A 38 -10.07 10.90 7.10
N ARG A 39 -9.03 10.12 6.83
CA ARG A 39 -8.61 9.05 7.73
C ARG A 39 -7.74 9.62 8.85
N HIS A 40 -6.80 10.48 8.48
CA HIS A 40 -5.90 11.09 9.46
C HIS A 40 -5.50 10.08 10.53
N SER A 41 -5.30 8.83 10.12
CA SER A 41 -4.92 7.77 11.04
C SER A 41 -3.42 7.51 10.98
N GLY A 42 -2.89 7.40 9.77
CA GLY A 42 -1.47 7.15 9.59
C GLY A 42 -1.17 5.69 9.35
N PRO A 43 0.10 5.40 8.98
CA PRO A 43 0.54 4.02 8.72
C PRO A 43 0.62 3.18 9.99
N SER A 44 0.36 3.82 11.13
CA SER A 44 0.41 3.13 12.42
C SER A 44 -0.90 2.38 12.68
N SER A 45 -1.90 2.64 11.84
CA SER A 45 -3.20 2.00 11.98
C SER A 45 -3.22 0.66 11.23
N GLY A 46 -2.80 0.69 9.98
CA GLY A 46 -2.79 -0.53 9.18
C GLY A 46 -2.69 -0.24 7.69
N GLY A 1 8.58 -3.77 14.05
CA GLY A 1 9.83 -4.44 14.36
C GLY A 1 9.98 -5.75 13.60
N SER A 2 10.25 -5.67 12.31
CA SER A 2 10.42 -6.85 11.48
C SER A 2 11.87 -7.02 11.06
N SER A 3 12.67 -7.60 11.94
CA SER A 3 14.10 -7.81 11.66
C SER A 3 14.28 -8.70 10.44
N GLY A 4 14.97 -8.18 9.43
CA GLY A 4 15.20 -8.94 8.22
C GLY A 4 14.02 -8.91 7.27
N SER A 5 13.93 -7.85 6.47
CA SER A 5 12.83 -7.70 5.53
C SER A 5 13.21 -8.24 4.16
N SER A 6 12.54 -9.31 3.75
CA SER A 6 12.82 -9.93 2.46
C SER A 6 11.54 -10.48 1.84
N GLY A 7 11.33 -10.18 0.56
CA GLY A 7 10.14 -10.65 -0.13
C GLY A 7 10.45 -11.14 -1.53
N THR A 8 10.07 -12.39 -1.81
CA THR A 8 10.31 -12.97 -3.12
C THR A 8 9.54 -12.23 -4.21
N GLY A 9 8.25 -11.99 -3.95
CA GLY A 9 7.43 -11.29 -4.92
C GLY A 9 7.98 -9.93 -5.27
N GLU A 10 8.59 -9.83 -6.45
CA GLU A 10 9.16 -8.57 -6.91
C GLU A 10 8.16 -7.77 -7.73
N LYS A 11 7.47 -6.84 -7.06
CA LYS A 11 6.48 -6.01 -7.73
C LYS A 11 7.06 -4.66 -8.12
N PRO A 12 6.81 -4.25 -9.37
CA PRO A 12 7.31 -2.97 -9.90
C PRO A 12 6.62 -1.76 -9.26
N TYR A 13 5.67 -2.05 -8.37
CA TYR A 13 4.93 -0.99 -7.68
C TYR A 13 4.91 -1.23 -6.18
N LYS A 14 4.95 -0.14 -5.42
CA LYS A 14 4.94 -0.23 -3.96
C LYS A 14 4.31 1.02 -3.34
N CYS A 15 3.23 0.83 -2.59
CA CYS A 15 2.54 1.94 -1.95
C CYS A 15 3.38 2.52 -0.83
N SER A 16 4.30 3.42 -1.18
CA SER A 16 5.17 4.05 -0.19
C SER A 16 4.36 4.58 0.99
N ASP A 17 3.10 4.90 0.74
CA ASP A 17 2.22 5.42 1.77
C ASP A 17 2.07 4.42 2.92
N CYS A 18 1.65 3.20 2.57
CA CYS A 18 1.47 2.15 3.57
C CYS A 18 2.61 1.13 3.50
N GLY A 19 2.92 0.69 2.29
CA GLY A 19 3.99 -0.28 2.11
C GLY A 19 3.49 -1.58 1.51
N LYS A 20 2.46 -1.49 0.68
CA LYS A 20 1.88 -2.66 0.04
C LYS A 20 2.44 -2.84 -1.37
N SER A 21 2.38 -4.07 -1.87
CA SER A 21 2.89 -4.37 -3.21
C SER A 21 1.74 -4.74 -4.15
N PHE A 22 1.83 -4.26 -5.38
CA PHE A 22 0.81 -4.53 -6.39
C PHE A 22 1.43 -5.01 -7.69
N THR A 23 0.62 -5.66 -8.52
CA THR A 23 1.09 -6.17 -9.80
C THR A 23 0.56 -5.33 -10.97
N TRP A 24 -0.71 -4.96 -10.88
CA TRP A 24 -1.35 -4.16 -11.92
C TRP A 24 -1.42 -2.69 -11.52
N LYS A 25 -0.99 -1.82 -12.41
CA LYS A 25 -1.01 -0.38 -12.14
C LYS A 25 -2.36 0.05 -11.59
N SER A 26 -3.42 -0.13 -12.38
CA SER A 26 -4.76 0.24 -11.98
C SER A 26 -4.99 -0.08 -10.50
N ARG A 27 -4.89 -1.35 -10.16
CA ARG A 27 -5.08 -1.80 -8.78
C ARG A 27 -4.51 -0.77 -7.80
N LEU A 28 -3.25 -0.43 -7.98
CA LEU A 28 -2.59 0.54 -7.10
C LEU A 28 -3.43 1.80 -6.96
N ARG A 29 -3.94 2.32 -8.07
CA ARG A 29 -4.76 3.51 -8.07
C ARG A 29 -5.92 3.37 -7.07
N ILE A 30 -6.83 2.45 -7.35
CA ILE A 30 -7.97 2.22 -6.47
C ILE A 30 -7.54 2.13 -5.02
N HIS A 31 -6.48 1.37 -4.77
CA HIS A 31 -5.96 1.20 -3.41
C HIS A 31 -5.80 2.55 -2.72
N GLN A 32 -5.05 3.45 -3.36
CA GLN A 32 -4.81 4.77 -2.81
C GLN A 32 -6.13 5.42 -2.36
N LYS A 33 -7.11 5.43 -3.25
CA LYS A 33 -8.41 6.02 -2.97
C LYS A 33 -8.92 5.54 -1.60
N CYS A 34 -8.73 4.26 -1.33
CA CYS A 34 -9.17 3.68 -0.06
C CYS A 34 -8.53 4.40 1.12
N HIS A 35 -7.21 4.51 1.08
CA HIS A 35 -6.46 5.17 2.15
C HIS A 35 -7.18 6.43 2.61
N THR A 36 -7.56 7.27 1.66
CA THR A 36 -8.26 8.52 1.96
C THR A 36 -9.68 8.25 2.43
N GLY A 37 -10.35 7.32 1.76
CA GLY A 37 -11.72 6.99 2.11
C GLY A 37 -11.79 6.02 3.27
N GLU A 38 -11.05 6.31 4.34
CA GLU A 38 -11.04 5.45 5.51
C GLU A 38 -11.88 6.05 6.64
N ARG A 39 -11.97 5.32 7.75
CA ARG A 39 -12.75 5.78 8.89
C ARG A 39 -11.84 6.04 10.10
N HIS A 40 -10.95 5.10 10.37
CA HIS A 40 -10.02 5.24 11.49
C HIS A 40 -8.84 6.12 11.12
N SER A 41 -8.09 6.56 12.13
CA SER A 41 -6.93 7.42 11.90
C SER A 41 -5.68 6.59 11.60
N GLY A 42 -4.70 7.21 10.97
CA GLY A 42 -3.46 6.52 10.64
C GLY A 42 -2.28 7.45 10.54
N PRO A 43 -1.67 7.77 11.69
CA PRO A 43 -0.51 8.66 11.76
C PRO A 43 0.74 8.03 11.16
N SER A 44 1.18 8.55 10.02
CA SER A 44 2.36 8.03 9.34
C SER A 44 2.90 9.05 8.33
N SER A 45 4.22 9.17 8.26
CA SER A 45 4.84 10.11 7.35
C SER A 45 5.19 9.42 6.03
N GLY A 46 6.02 8.38 6.11
CA GLY A 46 6.42 7.65 4.92
C GLY A 46 6.63 8.56 3.73
N GLY A 1 12.74 -10.88 8.34
CA GLY A 1 13.04 -12.29 8.35
C GLY A 1 11.80 -13.15 8.53
N SER A 2 10.99 -12.81 9.53
CA SER A 2 9.78 -13.56 9.81
C SER A 2 8.88 -13.62 8.58
N SER A 3 8.58 -12.45 8.01
CA SER A 3 7.73 -12.38 6.82
C SER A 3 8.51 -11.81 5.64
N GLY A 4 9.26 -10.74 5.90
CA GLY A 4 10.03 -10.11 4.84
C GLY A 4 10.58 -11.11 3.85
N SER A 5 10.05 -11.11 2.63
CA SER A 5 10.49 -12.04 1.60
C SER A 5 11.02 -11.28 0.39
N SER A 6 12.29 -10.89 0.45
CA SER A 6 12.92 -10.15 -0.64
C SER A 6 14.15 -10.89 -1.15
N GLY A 7 14.06 -11.40 -2.38
CA GLY A 7 15.17 -12.12 -2.97
C GLY A 7 14.88 -12.55 -4.40
N THR A 8 13.97 -13.49 -4.56
CA THR A 8 13.61 -13.99 -5.87
C THR A 8 13.09 -12.87 -6.77
N GLY A 9 12.17 -12.08 -6.25
CA GLY A 9 11.62 -10.97 -7.02
C GLY A 9 10.28 -10.52 -6.49
N GLU A 10 10.07 -9.20 -6.47
CA GLU A 10 8.82 -8.63 -5.97
C GLU A 10 8.11 -7.84 -7.08
N LYS A 11 6.94 -7.31 -6.75
CA LYS A 11 6.16 -6.54 -7.71
C LYS A 11 6.86 -5.23 -8.05
N PRO A 12 6.75 -4.81 -9.32
CA PRO A 12 7.37 -3.57 -9.80
C PRO A 12 6.69 -2.33 -9.24
N TYR A 13 5.59 -2.54 -8.51
CA TYR A 13 4.85 -1.43 -7.92
C TYR A 13 4.79 -1.58 -6.40
N LYS A 14 4.80 -0.45 -5.70
CA LYS A 14 4.74 -0.45 -4.25
C LYS A 14 4.10 0.84 -3.73
N CYS A 15 3.04 0.69 -2.95
CA CYS A 15 2.33 1.84 -2.39
C CYS A 15 3.24 2.63 -1.45
N SER A 16 3.53 3.88 -1.83
CA SER A 16 4.38 4.73 -1.02
C SER A 16 3.57 5.51 0.01
N ASP A 17 2.63 4.83 0.65
CA ASP A 17 1.78 5.46 1.65
C ASP A 17 1.68 4.58 2.90
N CYS A 18 1.71 3.27 2.71
CA CYS A 18 1.63 2.33 3.81
C CYS A 18 2.72 1.26 3.70
N GLY A 19 2.89 0.73 2.49
CA GLY A 19 3.90 -0.30 2.27
C GLY A 19 3.31 -1.58 1.71
N LYS A 20 2.69 -1.47 0.55
CA LYS A 20 2.09 -2.64 -0.10
C LYS A 20 2.75 -2.92 -1.44
N SER A 21 2.33 -4.00 -2.09
CA SER A 21 2.88 -4.39 -3.38
C SER A 21 1.78 -4.82 -4.33
N PHE A 22 1.72 -4.18 -5.50
CA PHE A 22 0.72 -4.50 -6.50
C PHE A 22 1.37 -4.88 -7.82
N THR A 23 0.67 -5.69 -8.62
CA THR A 23 1.18 -6.13 -9.91
C THR A 23 0.55 -5.34 -11.05
N TRP A 24 -0.33 -4.41 -10.69
CA TRP A 24 -1.01 -3.58 -11.69
C TRP A 24 -0.96 -2.11 -11.30
N LYS A 25 -0.84 -1.23 -12.30
CA LYS A 25 -0.79 0.20 -12.06
C LYS A 25 -2.15 0.73 -11.64
N SER A 26 -3.20 0.29 -12.32
CA SER A 26 -4.56 0.73 -12.01
C SER A 26 -5.00 0.18 -10.66
N ARG A 27 -4.86 -1.13 -10.48
CA ARG A 27 -5.25 -1.78 -9.23
C ARG A 27 -4.67 -1.04 -8.03
N LEU A 28 -3.50 -0.45 -8.22
CA LEU A 28 -2.82 0.29 -7.16
C LEU A 28 -3.58 1.57 -6.81
N ARG A 29 -4.00 2.29 -7.85
CA ARG A 29 -4.73 3.53 -7.66
C ARG A 29 -5.91 3.33 -6.70
N ILE A 30 -6.78 2.40 -7.04
CA ILE A 30 -7.95 2.10 -6.21
C ILE A 30 -7.56 1.98 -4.74
N HIS A 31 -6.41 1.36 -4.50
CA HIS A 31 -5.92 1.18 -3.13
C HIS A 31 -5.58 2.52 -2.48
N GLN A 32 -4.67 3.24 -3.10
CA GLN A 32 -4.25 4.55 -2.59
C GLN A 32 -5.46 5.41 -2.25
N LYS A 33 -6.54 5.22 -3.00
CA LYS A 33 -7.77 5.97 -2.78
C LYS A 33 -8.48 5.51 -1.51
N CYS A 34 -8.51 4.20 -1.31
CA CYS A 34 -9.15 3.63 -0.13
C CYS A 34 -8.63 4.27 1.15
N HIS A 35 -7.31 4.40 1.25
CA HIS A 35 -6.68 5.00 2.42
C HIS A 35 -7.54 6.13 2.97
N THR A 36 -7.84 7.11 2.12
CA THR A 36 -8.65 8.25 2.53
C THR A 36 -10.11 7.86 2.67
N GLY A 37 -10.50 7.50 3.90
CA GLY A 37 -11.88 7.12 4.15
C GLY A 37 -12.13 6.80 5.61
N GLU A 38 -13.34 6.37 5.92
CA GLU A 38 -13.71 6.03 7.30
C GLU A 38 -14.09 4.55 7.41
N ARG A 39 -13.53 3.89 8.42
CA ARG A 39 -13.81 2.47 8.64
C ARG A 39 -13.96 2.18 10.13
N HIS A 40 -14.95 1.36 10.47
CA HIS A 40 -15.20 1.00 11.86
C HIS A 40 -14.84 -0.47 12.11
N SER A 41 -13.73 -0.69 12.81
CA SER A 41 -13.28 -2.04 13.11
C SER A 41 -12.40 -2.06 14.36
N GLY A 42 -12.42 -3.18 15.08
CA GLY A 42 -11.63 -3.30 16.28
C GLY A 42 -11.12 -4.71 16.50
N PRO A 43 -10.22 -5.17 15.60
CA PRO A 43 -9.64 -6.50 15.68
C PRO A 43 -8.67 -6.64 16.84
N SER A 44 -9.09 -7.39 17.86
CA SER A 44 -8.27 -7.60 19.04
C SER A 44 -8.43 -9.02 19.58
N SER A 45 -7.32 -9.73 19.72
CA SER A 45 -7.34 -11.11 20.22
C SER A 45 -8.13 -11.20 21.52
N GLY A 46 -7.72 -10.42 22.51
CA GLY A 46 -8.40 -10.42 23.79
C GLY A 46 -8.19 -11.72 24.55
#